data_4Q69
#
_entry.id   4Q69
#
_cell.length_a   135.124
_cell.length_b   135.124
_cell.length_c   139.567
_cell.angle_alpha   90.000
_cell.angle_beta   90.000
_cell.angle_gamma   120.000
#
_symmetry.space_group_name_H-M   'P 31 2 1'
#
loop_
_entity.id
_entity.type
_entity.pdbx_description
1 polymer 'Putative lipoprotein'
2 non-polymer 'SODIUM ION'
3 non-polymer 'CHLORIDE ION'
4 non-polymer GLYCEROL
5 water water
#
_entity_poly.entity_id   1
_entity_poly.type   'polypeptide(L)'
_entity_poly.pdbx_seq_one_letter_code
;GDINHDPNTAEKVDPGYLFNYVAVNWAGTRTGGDFYIPLS(MSE)SSQCQVDGGLDYGGWDESVYTISPYSTGNTWKHYY
SVGGNNL(MSE)LAIKNAEEADPVNHNAIAQCKILLAEH(MSE)YEAT(MSE)LWGDIPFTESWNGTIKYPKFDSQESVL
NGVLSLLDEALQI(MSE)DLNDANAIDEYDIYYKGD(MSE)NKW(MSE)TLAKSLKFRTL(MSE)V(MSE)VDKDPSKAT
AIGTLLQAGG(MSE)VSSASDNLVFPYSAEPGNQNPKYELIELVGGTQILFFASNY(MSE)LKP(MSE)QERNDPRIPCY
FEPGADGVYRGLGNREPAVTDDKDN(MSE)LSSVVSSYLFRKDAPELIYSCQEQLLLEAEAYARGLGVAQNLSKANELYK
KGIREACAFYGVAEADIDTYVTGLPELTALTQEKALYEIH(MSE)QQWIDL(MSE)DRPFEEFVQWRRSGTAGNEVPTLQ
VPEDATSKELIRRWEYSPEE(MSE)TANINAPKESPKIWEKLWFDL
;
_entity_poly.pdbx_strand_id   A,B
#
loop_
_chem_comp.id
_chem_comp.type
_chem_comp.name
_chem_comp.formula
CL non-polymer 'CHLORIDE ION' 'Cl -1'
GOL non-polymer GLYCEROL 'C3 H8 O3'
NA non-polymer 'SODIUM ION' 'Na 1'
#
# COMPACT_ATOMS: atom_id res chain seq x y z
N PRO A 7 -1.44 17.15 -11.70
CA PRO A 7 -0.21 17.85 -12.10
C PRO A 7 -0.23 19.35 -11.75
N ASN A 8 -1.24 20.08 -12.25
CA ASN A 8 -1.42 21.51 -11.94
C ASN A 8 -2.59 21.78 -10.98
N THR A 9 -3.26 20.71 -10.55
CA THR A 9 -4.40 20.82 -9.62
C THR A 9 -3.96 21.26 -8.21
N ALA A 10 -2.77 20.85 -7.79
CA ALA A 10 -2.19 21.26 -6.50
C ALA A 10 -1.69 22.70 -6.55
N GLU A 11 -1.64 23.33 -5.38
CA GLU A 11 -1.11 24.68 -5.26
C GLU A 11 0.40 24.64 -4.92
N LYS A 12 0.81 25.58 -4.06
CA LYS A 12 2.19 25.66 -3.61
C LYS A 12 2.51 24.52 -2.63
N VAL A 13 3.47 23.68 -3.03
CA VAL A 13 3.95 22.57 -2.20
C VAL A 13 5.46 22.63 -2.14
N ASP A 14 6.03 22.39 -0.96
CA ASP A 14 7.47 22.40 -0.78
C ASP A 14 8.07 21.23 -1.57
N PRO A 15 9.06 21.51 -2.44
CA PRO A 15 9.73 20.42 -3.16
C PRO A 15 10.39 19.39 -2.25
N GLY A 16 10.93 19.84 -1.12
CA GLY A 16 11.62 18.97 -0.19
C GLY A 16 10.69 17.94 0.44
N TYR A 17 9.53 18.42 0.87
CA TYR A 17 8.50 17.53 1.43
C TYR A 17 8.15 16.42 0.44
N LEU A 18 7.92 16.80 -0.81
CA LEU A 18 7.55 15.84 -1.85
C LEU A 18 8.67 14.86 -2.16
N PHE A 19 9.89 15.38 -2.30
CA PHE A 19 11.08 14.57 -2.57
C PHE A 19 11.25 13.47 -1.50
N ASN A 20 11.14 13.86 -0.24
CA ASN A 20 11.32 12.93 0.86
C ASN A 20 10.19 11.90 0.94
N TYR A 21 8.96 12.35 0.69
CA TYR A 21 7.80 11.45 0.61
C TYR A 21 8.05 10.38 -0.46
N VAL A 22 8.60 10.79 -1.60
CA VAL A 22 8.91 9.84 -2.66
C VAL A 22 10.01 8.89 -2.24
N ALA A 23 11.07 9.44 -1.65
CA ALA A 23 12.21 8.64 -1.19
C ALA A 23 11.77 7.55 -0.20
N VAL A 24 10.95 7.92 0.77
CA VAL A 24 10.48 6.98 1.78
C VAL A 24 9.63 5.88 1.16
N ASN A 25 8.68 6.25 0.30
CA ASN A 25 7.79 5.25 -0.31
C ASN A 25 8.49 4.38 -1.34
N TRP A 26 9.45 4.95 -2.05
CA TRP A 26 10.30 4.20 -2.97
C TRP A 26 11.08 3.11 -2.23
N ALA A 27 11.75 3.48 -1.13
CA ALA A 27 12.44 2.49 -0.31
C ALA A 27 11.45 1.46 0.24
N GLY A 28 10.30 1.92 0.70
CA GLY A 28 9.25 1.04 1.20
C GLY A 28 8.79 0.04 0.14
N THR A 29 8.75 0.49 -1.10
CA THR A 29 8.37 -0.36 -2.22
C THR A 29 9.45 -1.39 -2.53
N ARG A 30 10.69 -0.94 -2.66
CA ARG A 30 11.81 -1.82 -2.99
C ARG A 30 12.07 -2.91 -1.94
N THR A 31 11.78 -2.62 -0.68
CA THR A 31 11.98 -3.58 0.40
C THR A 31 10.71 -4.34 0.76
N GLY A 32 9.60 -4.02 0.09
CA GLY A 32 8.31 -4.63 0.40
C GLY A 32 8.14 -6.01 -0.21
N GLY A 33 7.16 -6.74 0.31
CA GLY A 33 6.88 -8.10 -0.15
C GLY A 33 6.34 -8.20 -1.57
N ASP A 34 5.82 -7.11 -2.09
CA ASP A 34 5.28 -7.10 -3.45
C ASP A 34 6.32 -6.72 -4.51
N PHE A 35 7.59 -6.69 -4.13
CA PHE A 35 8.68 -6.31 -5.04
C PHE A 35 9.87 -7.23 -4.79
N TYR A 36 10.37 -7.21 -3.56
CA TYR A 36 11.54 -7.99 -3.16
C TYR A 36 11.32 -9.48 -3.41
N ILE A 37 10.16 -9.99 -3.01
CA ILE A 37 9.86 -11.42 -3.13
C ILE A 37 9.70 -11.88 -4.58
N PRO A 38 8.86 -11.20 -5.37
CA PRO A 38 8.77 -11.54 -6.78
C PRO A 38 10.12 -11.61 -7.50
N LEU A 39 10.96 -10.59 -7.29
CA LEU A 39 12.22 -10.52 -8.00
C LEU A 39 13.25 -11.55 -7.50
N SER A 40 13.34 -11.75 -6.19
CA SER A 40 14.32 -12.69 -5.65
C SER A 40 13.96 -14.14 -6.01
N MSE A 41 12.69 -14.51 -5.87
CA MSE A 41 12.26 -15.89 -6.11
C MSE A 41 12.17 -16.22 -7.59
O MSE A 41 12.51 -17.33 -7.99
CB MSE A 41 10.90 -16.14 -5.45
CG MSE A 41 10.94 -15.93 -3.93
SE MSE A 41 12.17 -17.19 -3.09
CE MSE A 41 12.69 -16.10 -1.56
N SER A 42 11.72 -15.27 -8.41
CA SER A 42 11.62 -15.51 -9.85
C SER A 42 12.99 -15.49 -10.52
N SER A 43 13.89 -14.62 -10.06
CA SER A 43 15.25 -14.58 -10.60
C SER A 43 16.08 -15.77 -10.16
N GLN A 44 15.66 -16.39 -9.05
CA GLN A 44 16.31 -17.56 -8.46
C GLN A 44 17.67 -17.27 -7.80
N CYS A 45 17.92 -15.99 -7.49
CA CYS A 45 19.07 -15.62 -6.66
C CYS A 45 18.83 -16.01 -5.20
N GLN A 46 17.55 -16.28 -4.87
CA GLN A 46 17.16 -16.92 -3.62
C GLN A 46 16.09 -17.98 -3.92
N VAL A 47 15.81 -18.83 -2.93
CA VAL A 47 14.74 -19.83 -3.05
C VAL A 47 13.87 -19.85 -1.79
N ASP A 48 12.74 -20.56 -1.87
CA ASP A 48 11.70 -20.46 -0.84
C ASP A 48 11.65 -21.62 0.15
N GLY A 49 12.50 -22.62 -0.05
CA GLY A 49 12.53 -23.77 0.85
C GLY A 49 11.34 -24.71 0.71
N GLY A 50 10.63 -24.61 -0.42
CA GLY A 50 9.48 -25.47 -0.68
C GLY A 50 8.20 -25.00 -0.03
N LEU A 51 7.12 -25.73 -0.27
CA LEU A 51 5.78 -25.29 0.13
C LEU A 51 5.54 -25.27 1.64
N ASP A 52 6.32 -26.07 2.39
CA ASP A 52 6.18 -26.08 3.84
C ASP A 52 6.71 -24.80 4.49
N TYR A 53 7.63 -24.11 3.81
CA TYR A 53 8.25 -22.91 4.37
C TYR A 53 7.84 -21.64 3.63
N GLY A 54 8.71 -21.08 2.79
CA GLY A 54 8.39 -19.86 2.06
C GLY A 54 7.22 -20.07 1.12
N GLY A 55 7.29 -21.12 0.31
CA GLY A 55 6.21 -21.52 -0.58
C GLY A 55 5.65 -20.35 -1.37
N TRP A 56 6.54 -19.56 -1.94
CA TRP A 56 6.15 -18.34 -2.64
C TRP A 56 5.73 -18.70 -4.03
N ASP A 57 4.54 -18.24 -4.44
CA ASP A 57 4.05 -18.47 -5.81
C ASP A 57 5.03 -17.94 -6.87
N GLU A 58 5.80 -16.93 -6.50
CA GLU A 58 6.72 -16.29 -7.42
C GLU A 58 7.90 -17.19 -7.79
N SER A 59 8.14 -18.23 -6.99
CA SER A 59 9.17 -19.23 -7.32
C SER A 59 8.86 -19.97 -8.63
N VAL A 60 7.58 -20.08 -8.96
CA VAL A 60 7.14 -20.70 -10.23
C VAL A 60 6.59 -19.65 -11.21
N TYR A 61 7.09 -18.41 -11.07
CA TYR A 61 6.80 -17.31 -12.00
C TYR A 61 5.37 -16.75 -11.93
N THR A 62 4.63 -17.09 -10.90
CA THR A 62 3.30 -16.52 -10.70
C THR A 62 3.41 -15.21 -9.92
N ILE A 63 3.52 -14.10 -10.65
CA ILE A 63 3.59 -12.77 -10.05
C ILE A 63 2.16 -12.25 -9.92
N SER A 64 1.76 -11.89 -8.71
CA SER A 64 0.40 -11.41 -8.44
C SER A 64 0.09 -10.12 -9.19
N PRO A 65 -1.17 -9.95 -9.64
CA PRO A 65 -1.61 -8.69 -10.21
C PRO A 65 -1.64 -7.54 -9.22
N TYR A 66 -1.65 -7.85 -7.92
CA TYR A 66 -1.54 -6.82 -6.90
C TYR A 66 -0.09 -6.31 -6.82
N SER A 67 0.86 -7.22 -6.95
CA SER A 67 2.27 -6.85 -6.91
C SER A 67 2.68 -5.95 -8.08
N THR A 68 2.22 -6.27 -9.29
CA THR A 68 2.51 -5.45 -10.45
C THR A 68 1.80 -4.11 -10.32
N GLY A 69 0.56 -4.13 -9.82
CA GLY A 69 -0.23 -2.92 -9.64
C GLY A 69 0.32 -1.98 -8.58
N ASN A 70 0.72 -2.55 -7.44
CA ASN A 70 1.27 -1.76 -6.35
C ASN A 70 2.59 -1.10 -6.79
N THR A 71 3.42 -1.88 -7.48
CA THR A 71 4.71 -1.40 -7.96
C THR A 71 4.52 -0.31 -9.02
N TRP A 72 3.66 -0.58 -9.99
CA TRP A 72 3.30 0.40 -11.03
C TRP A 72 2.76 1.68 -10.41
N LYS A 73 1.86 1.53 -9.45
CA LYS A 73 1.27 2.67 -8.74
C LYS A 73 2.37 3.52 -8.10
N HIS A 74 3.40 2.88 -7.56
CA HIS A 74 4.49 3.66 -7.00
C HIS A 74 5.25 4.49 -8.03
N TYR A 75 5.62 3.89 -9.15
CA TYR A 75 6.44 4.60 -10.13
C TYR A 75 5.67 5.76 -10.77
N TYR A 76 4.36 5.59 -10.99
CA TYR A 76 3.57 6.61 -11.68
C TYR A 76 2.81 7.59 -10.77
N SER A 77 2.11 7.08 -9.76
CA SER A 77 1.30 7.97 -8.90
C SER A 77 2.09 8.51 -7.72
N VAL A 78 2.71 7.63 -6.96
CA VAL A 78 3.40 8.03 -5.74
C VAL A 78 4.70 8.76 -6.07
N GLY A 79 5.53 8.16 -6.92
CA GLY A 79 6.84 8.71 -7.24
C GLY A 79 6.82 9.75 -8.34
N GLY A 80 6.50 9.32 -9.55
CA GLY A 80 6.55 10.18 -10.73
C GLY A 80 5.74 11.46 -10.62
N ASN A 81 4.46 11.33 -10.32
CA ASN A 81 3.57 12.48 -10.24
C ASN A 81 4.12 13.55 -9.27
N ASN A 82 4.63 13.11 -8.13
CA ASN A 82 5.09 14.04 -7.11
C ASN A 82 6.47 14.63 -7.38
N LEU A 83 7.32 13.87 -8.06
CA LEU A 83 8.60 14.42 -8.51
C LEU A 83 8.35 15.51 -9.54
N MSE A 84 7.43 15.29 -10.47
CA MSE A 84 7.07 16.32 -11.46
C MSE A 84 6.53 17.54 -10.79
O MSE A 84 6.87 18.68 -11.16
CB MSE A 84 6.01 15.81 -12.45
CG MSE A 84 6.53 14.69 -13.37
SE MSE A 84 7.83 15.40 -14.67
CE MSE A 84 6.53 16.36 -15.79
N LEU A 85 5.67 17.34 -9.79
CA LEU A 85 5.10 18.44 -9.03
C LEU A 85 6.17 19.20 -8.28
N ALA A 86 7.13 18.48 -7.70
CA ALA A 86 8.23 19.11 -6.98
C ALA A 86 9.07 19.96 -7.93
N ILE A 87 9.32 19.43 -9.13
CA ILE A 87 10.07 20.15 -10.14
C ILE A 87 9.36 21.44 -10.55
N LYS A 88 8.04 21.35 -10.74
CA LYS A 88 7.25 22.52 -11.12
C LYS A 88 7.33 23.61 -10.06
N ASN A 89 7.23 23.22 -8.79
CA ASN A 89 7.30 24.19 -7.69
C ASN A 89 8.68 24.81 -7.56
N ALA A 90 9.71 24.02 -7.83
CA ALA A 90 11.09 24.50 -7.82
C ALA A 90 11.36 25.47 -8.97
N GLU A 91 10.78 25.19 -10.13
CA GLU A 91 10.90 26.08 -11.28
C GLU A 91 10.22 27.41 -11.01
N GLU A 92 9.08 27.36 -10.33
CA GLU A 92 8.27 28.54 -10.06
C GLU A 92 8.69 29.32 -8.81
N ALA A 93 9.62 28.76 -8.03
CA ALA A 93 10.09 29.44 -6.81
C ALA A 93 10.94 30.68 -7.12
N ASP A 94 11.11 31.51 -6.10
CA ASP A 94 11.93 32.72 -6.19
C ASP A 94 12.83 32.82 -4.94
N PRO A 95 14.14 32.60 -5.11
CA PRO A 95 14.83 32.29 -6.37
C PRO A 95 14.55 30.86 -6.87
N VAL A 96 14.75 30.65 -8.16
CA VAL A 96 14.55 29.34 -8.76
C VAL A 96 15.49 28.36 -8.06
N ASN A 97 14.96 27.24 -7.59
CA ASN A 97 15.76 26.23 -6.90
C ASN A 97 16.31 25.20 -7.89
N HIS A 98 17.40 25.58 -8.55
CA HIS A 98 17.99 24.78 -9.61
C HIS A 98 18.42 23.41 -9.11
N ASN A 99 19.02 23.36 -7.92
CA ASN A 99 19.51 22.09 -7.37
C ASN A 99 18.38 21.13 -7.02
N ALA A 100 17.26 21.66 -6.50
CA ALA A 100 16.10 20.84 -6.22
C ALA A 100 15.58 20.18 -7.49
N ILE A 101 15.60 20.92 -8.60
CA ILE A 101 15.19 20.40 -9.88
C ILE A 101 16.11 19.24 -10.29
N ALA A 102 17.41 19.43 -10.12
CA ALA A 102 18.37 18.39 -10.46
C ALA A 102 18.13 17.14 -9.62
N GLN A 103 18.00 17.33 -8.32
CA GLN A 103 17.74 16.23 -7.40
C GLN A 103 16.49 15.45 -7.80
N CYS A 104 15.40 16.16 -8.05
CA CYS A 104 14.14 15.54 -8.44
C CYS A 104 14.23 14.82 -9.79
N LYS A 105 14.93 15.40 -10.75
CA LYS A 105 15.09 14.77 -12.07
C LYS A 105 15.91 13.49 -12.02
N ILE A 106 16.91 13.44 -11.14
CA ILE A 106 17.71 12.23 -10.97
C ILE A 106 16.86 11.08 -10.44
N LEU A 107 16.04 11.34 -9.41
CA LEU A 107 15.13 10.33 -8.89
C LEU A 107 14.08 9.91 -9.92
N LEU A 108 13.54 10.88 -10.67
CA LEU A 108 12.56 10.59 -11.70
C LEU A 108 13.15 9.68 -12.77
N ALA A 109 14.37 9.99 -13.20
CA ALA A 109 15.10 9.16 -14.14
C ALA A 109 15.21 7.72 -13.63
N GLU A 110 15.54 7.59 -12.35
CA GLU A 110 15.77 6.30 -11.76
C GLU A 110 14.45 5.53 -11.60
N HIS A 111 13.36 6.25 -11.36
CA HIS A 111 12.03 5.64 -11.31
C HIS A 111 11.61 5.06 -12.67
N MSE A 112 11.84 5.81 -13.74
CA MSE A 112 11.45 5.36 -15.07
C MSE A 112 12.37 4.27 -15.54
O MSE A 112 11.94 3.34 -16.23
CB MSE A 112 11.43 6.50 -16.09
CG MSE A 112 10.31 7.46 -15.74
SE MSE A 112 8.58 6.60 -16.11
CE MSE A 112 8.06 6.39 -14.22
N TYR A 113 13.66 4.36 -15.17
CA TYR A 113 14.59 3.28 -15.44
C TYR A 113 14.08 1.97 -14.84
N GLU A 114 13.70 2.00 -13.58
CA GLU A 114 13.25 0.78 -12.90
C GLU A 114 11.98 0.23 -13.53
N ALA A 115 11.05 1.11 -13.89
CA ALA A 115 9.80 0.68 -14.50
C ALA A 115 10.04 -0.02 -15.85
N THR A 116 10.85 0.58 -16.72
CA THR A 116 11.07 -0.03 -18.05
C THR A 116 11.80 -1.37 -17.95
N MSE A 117 12.68 -1.51 -16.96
CA MSE A 117 13.41 -2.77 -16.74
C MSE A 117 12.54 -3.89 -16.24
O MSE A 117 12.98 -5.04 -16.19
CB MSE A 117 14.59 -2.57 -15.79
CG MSE A 117 15.64 -1.61 -16.33
SE MSE A 117 16.26 -2.07 -18.13
CE MSE A 117 17.54 -3.39 -17.49
N LEU A 118 11.30 -3.59 -15.85
CA LEU A 118 10.33 -4.63 -15.51
C LEU A 118 9.34 -4.87 -16.64
N TRP A 119 8.82 -3.78 -17.22
CA TRP A 119 7.70 -3.85 -18.15
C TRP A 119 8.01 -3.54 -19.62
N GLY A 120 9.22 -3.08 -19.90
CA GLY A 120 9.62 -2.71 -21.27
C GLY A 120 8.96 -1.44 -21.74
N ASP A 121 8.01 -1.57 -22.66
CA ASP A 121 7.33 -0.42 -23.22
C ASP A 121 6.33 0.10 -22.21
N ILE A 122 6.45 1.39 -21.85
CA ILE A 122 5.64 2.00 -20.80
C ILE A 122 5.37 3.48 -21.12
N PRO A 123 4.38 4.08 -20.44
CA PRO A 123 4.17 5.52 -20.60
C PRO A 123 5.32 6.33 -20.05
N PHE A 124 5.58 7.48 -20.65
CA PHE A 124 6.64 8.36 -20.18
C PHE A 124 6.44 9.80 -20.68
N THR A 125 6.61 10.02 -21.98
CA THR A 125 6.55 11.37 -22.54
C THR A 125 5.18 12.02 -22.35
N GLU A 126 4.12 11.23 -22.37
CA GLU A 126 2.76 11.75 -22.19
C GLU A 126 2.22 11.60 -20.77
N SER A 127 3.04 11.06 -19.86
CA SER A 127 2.63 10.90 -18.46
C SER A 127 2.64 12.23 -17.71
N TRP A 128 1.82 12.29 -16.66
CA TRP A 128 1.74 13.46 -15.80
C TRP A 128 1.45 14.71 -16.62
N ASN A 129 0.37 14.63 -17.38
CA ASN A 129 -0.06 15.71 -18.25
C ASN A 129 -1.56 15.88 -18.14
N GLY A 130 -2.00 17.04 -17.64
CA GLY A 130 -3.42 17.35 -17.46
C GLY A 130 -4.23 17.33 -18.74
N THR A 131 -3.59 17.65 -19.87
CA THR A 131 -4.27 17.67 -21.17
C THR A 131 -4.45 16.27 -21.79
N ILE A 132 -3.79 15.26 -21.23
CA ILE A 132 -3.85 13.90 -21.78
C ILE A 132 -4.46 12.91 -20.78
N LYS A 133 -5.70 12.50 -21.06
CA LYS A 133 -6.42 11.54 -20.23
C LYS A 133 -5.67 10.20 -20.17
N TYR A 134 -5.39 9.65 -21.36
CA TYR A 134 -4.88 8.29 -21.52
C TYR A 134 -3.53 8.29 -22.26
N PRO A 135 -2.42 8.27 -21.52
CA PRO A 135 -1.11 8.42 -22.17
C PRO A 135 -0.66 7.19 -22.97
N LYS A 136 -0.01 7.44 -24.09
CA LYS A 136 0.49 6.36 -24.94
C LYS A 136 1.67 5.66 -24.28
N PHE A 137 1.93 4.43 -24.70
CA PHE A 137 3.09 3.67 -24.25
C PHE A 137 4.28 4.01 -25.15
N ASP A 138 5.39 4.41 -24.55
CA ASP A 138 6.64 4.66 -25.28
C ASP A 138 7.44 3.36 -25.34
N SER A 139 8.35 3.27 -26.30
CA SER A 139 9.24 2.12 -26.40
C SER A 139 10.28 2.21 -25.31
N GLN A 140 10.81 1.06 -24.88
CA GLN A 140 11.88 1.05 -23.91
C GLN A 140 13.05 1.91 -24.37
N GLU A 141 13.37 1.85 -25.66
CA GLU A 141 14.46 2.64 -26.21
C GLU A 141 14.23 4.13 -25.93
N SER A 142 13.00 4.60 -26.18
CA SER A 142 12.66 6.00 -25.89
C SER A 142 12.84 6.31 -24.41
N VAL A 143 12.35 5.42 -23.56
CA VAL A 143 12.38 5.62 -22.12
C VAL A 143 13.81 5.69 -21.60
N LEU A 144 14.66 4.77 -22.04
CA LEU A 144 16.05 4.74 -21.57
C LEU A 144 16.84 5.97 -22.03
N ASN A 145 16.61 6.41 -23.27
CA ASN A 145 17.21 7.67 -23.73
C ASN A 145 16.62 8.85 -22.99
N GLY A 146 15.36 8.74 -22.59
CA GLY A 146 14.70 9.71 -21.74
C GLY A 146 15.33 9.79 -20.35
N VAL A 147 15.76 8.64 -19.84
CA VAL A 147 16.49 8.54 -18.58
C VAL A 147 17.82 9.29 -18.68
N LEU A 148 18.56 9.06 -19.78
CA LEU A 148 19.82 9.75 -20.01
C LEU A 148 19.63 11.25 -20.13
N SER A 149 18.57 11.67 -20.82
CA SER A 149 18.27 13.09 -20.98
C SER A 149 18.00 13.74 -19.63
N LEU A 150 17.18 13.10 -18.80
CA LEU A 150 16.88 13.64 -17.47
C LEU A 150 18.15 13.84 -16.67
N LEU A 151 19.04 12.86 -16.71
CA LEU A 151 20.29 12.93 -15.97
C LEU A 151 21.18 14.06 -16.49
N ASP A 152 21.25 14.19 -17.81
CA ASP A 152 22.00 15.30 -18.41
C ASP A 152 21.36 16.65 -18.10
N GLU A 153 20.04 16.71 -18.10
CA GLU A 153 19.33 17.93 -17.71
C GLU A 153 19.68 18.28 -16.26
N ALA A 154 19.75 17.27 -15.41
CA ALA A 154 20.09 17.47 -14.00
C ALA A 154 21.51 18.02 -13.83
N LEU A 155 22.47 17.40 -14.53
CA LEU A 155 23.86 17.86 -14.51
C LEU A 155 24.03 19.29 -15.04
N GLN A 156 23.19 19.69 -15.99
CA GLN A 156 23.23 21.04 -16.58
CA GLN A 156 23.23 21.02 -16.58
C GLN A 156 22.65 22.11 -15.67
N ILE A 157 21.48 21.83 -15.08
CA ILE A 157 20.78 22.83 -14.28
C ILE A 157 21.35 22.98 -12.86
N MSE A 158 21.99 21.93 -12.38
CA MSE A 158 22.66 21.93 -11.07
C MSE A 158 23.69 23.02 -10.93
O MSE A 158 24.39 23.36 -11.89
CB MSE A 158 23.31 20.56 -11.01
CG MSE A 158 24.17 20.28 -9.79
SE MSE A 158 24.96 18.53 -10.15
CE MSE A 158 23.40 17.32 -10.16
N ASP A 159 23.78 23.59 -9.73
CA ASP A 159 24.67 24.71 -9.45
C ASP A 159 25.40 24.49 -8.12
N LEU A 160 26.69 24.17 -8.20
CA LEU A 160 27.47 23.81 -7.01
C LEU A 160 27.86 25.00 -6.14
N ASN A 161 27.66 26.22 -6.65
CA ASN A 161 27.95 27.43 -5.88
C ASN A 161 26.70 28.01 -5.21
N ASP A 162 25.57 27.34 -5.39
CA ASP A 162 24.31 27.74 -4.77
C ASP A 162 24.03 26.81 -3.58
N ALA A 163 24.05 27.37 -2.38
CA ALA A 163 23.75 26.61 -1.15
C ALA A 163 22.29 26.11 -1.13
N ASN A 164 21.40 26.81 -1.83
CA ASN A 164 20.00 26.45 -1.92
C ASN A 164 19.79 25.11 -2.65
N ALA A 165 19.12 24.19 -1.96
CA ALA A 165 18.81 22.87 -2.50
C ALA A 165 17.84 22.16 -1.54
N ILE A 166 17.45 20.94 -1.87
CA ILE A 166 16.77 20.09 -0.91
C ILE A 166 17.87 19.55 -0.02
N ASP A 167 17.87 19.98 1.25
CA ASP A 167 18.93 19.59 2.19
C ASP A 167 18.39 18.81 3.39
N GLU A 168 17.55 19.44 4.22
CA GLU A 168 17.03 18.74 5.40
C GLU A 168 16.15 17.58 4.98
N TYR A 169 15.45 17.74 3.86
CA TYR A 169 14.60 16.66 3.33
C TYR A 169 15.31 15.75 2.30
N ASP A 170 16.63 15.86 2.19
CA ASP A 170 17.40 14.95 1.34
C ASP A 170 18.05 13.92 2.24
N ILE A 171 17.37 12.78 2.41
CA ILE A 171 17.87 11.72 3.28
C ILE A 171 19.10 11.00 2.70
N TYR A 172 19.33 11.14 1.40
CA TYR A 172 20.44 10.47 0.74
C TYR A 172 21.79 11.17 0.97
N TYR A 173 21.85 12.47 0.65
CA TYR A 173 23.10 13.23 0.68
C TYR A 173 23.04 14.58 1.39
N LYS A 174 21.91 14.88 2.04
CA LYS A 174 21.76 16.12 2.82
C LYS A 174 22.05 17.40 2.01
N GLY A 175 21.74 17.39 0.72
CA GLY A 175 21.93 18.57 -0.12
C GLY A 175 23.33 18.76 -0.71
N ASP A 176 24.22 17.79 -0.50
CA ASP A 176 25.57 17.88 -1.06
C ASP A 176 25.53 17.61 -2.57
N MSE A 177 25.57 18.68 -3.37
CA MSE A 177 25.36 18.55 -4.81
C MSE A 177 26.53 17.92 -5.52
O MSE A 177 26.39 17.49 -6.66
CB MSE A 177 25.03 19.90 -5.42
CG MSE A 177 23.74 20.51 -4.84
SE MSE A 177 22.22 19.28 -4.95
CE MSE A 177 22.10 19.07 -6.90
N ASN A 178 27.69 17.85 -4.85
CA ASN A 178 28.83 17.10 -5.39
C ASN A 178 28.53 15.61 -5.43
N LYS A 179 27.77 15.12 -4.46
CA LYS A 179 27.40 13.71 -4.42
C LYS A 179 26.31 13.41 -5.45
N TRP A 180 25.40 14.36 -5.66
CA TRP A 180 24.36 14.21 -6.69
C TRP A 180 24.97 14.25 -8.09
N MSE A 181 25.98 15.10 -8.27
CA MSE A 181 26.72 15.16 -9.55
C MSE A 181 27.41 13.85 -9.82
O MSE A 181 27.28 13.29 -10.92
CB MSE A 181 27.78 16.26 -9.50
CG MSE A 181 28.70 16.16 -10.71
SE MSE A 181 29.83 17.77 -10.83
CE MSE A 181 28.57 18.83 -11.94
N THR A 182 28.14 13.37 -8.82
CA THR A 182 28.84 12.09 -8.92
C THR A 182 27.87 10.94 -9.22
N LEU A 183 26.70 10.97 -8.59
CA LEU A 183 25.69 9.93 -8.79
C LEU A 183 25.09 9.99 -10.19
N ALA A 184 24.72 11.19 -10.63
CA ALA A 184 24.07 11.36 -11.94
C ALA A 184 24.94 10.80 -13.06
N LYS A 185 26.24 11.08 -13.01
CA LYS A 185 27.17 10.55 -14.00
C LYS A 185 27.21 9.02 -13.93
N SER A 186 27.20 8.48 -12.71
CA SER A 186 27.27 7.05 -12.52
C SER A 186 26.00 6.35 -13.03
N LEU A 187 24.84 6.97 -12.81
CA LEU A 187 23.59 6.40 -13.31
C LEU A 187 23.55 6.44 -14.85
N LYS A 188 24.11 7.49 -15.44
CA LYS A 188 24.29 7.54 -16.89
C LYS A 188 25.08 6.31 -17.35
N PHE A 189 26.24 6.12 -16.75
CA PHE A 189 27.14 5.04 -17.10
C PHE A 189 26.43 3.69 -17.01
N ARG A 190 25.79 3.44 -15.87
CA ARG A 190 25.04 2.21 -15.66
C ARG A 190 23.97 1.99 -16.73
N THR A 191 23.22 3.04 -17.03
CA THR A 191 22.15 2.96 -18.03
C THR A 191 22.74 2.69 -19.42
N LEU A 192 23.88 3.31 -19.74
CA LEU A 192 24.55 3.05 -21.00
C LEU A 192 25.02 1.60 -21.10
N MSE A 193 25.54 1.05 -20.00
CA MSE A 193 25.93 -0.37 -19.96
C MSE A 193 24.76 -1.30 -20.22
O MSE A 193 24.93 -2.37 -20.83
CB MSE A 193 26.57 -0.72 -18.62
CG MSE A 193 27.92 -0.05 -18.41
SE MSE A 193 29.28 -0.79 -19.62
CE MSE A 193 29.54 -2.52 -18.72
N VAL A 194 23.57 -0.90 -19.78
CA VAL A 194 22.36 -1.69 -20.02
C VAL A 194 21.97 -1.67 -21.50
N MSE A 195 22.21 -0.55 -22.17
CA MSE A 195 21.79 -0.34 -23.56
C MSE A 195 22.77 -0.82 -24.60
O MSE A 195 22.40 -0.98 -25.76
CB MSE A 195 21.56 1.14 -23.81
CG MSE A 195 20.44 1.71 -22.95
SE MSE A 195 20.48 3.67 -23.05
CE MSE A 195 19.52 3.82 -24.77
N VAL A 196 24.03 -1.05 -24.21
CA VAL A 196 25.12 -1.20 -25.18
C VAL A 196 25.14 -2.53 -25.94
N ASP A 197 24.46 -3.54 -25.42
CA ASP A 197 24.33 -4.81 -26.15
C ASP A 197 23.41 -4.61 -27.36
N LYS A 198 22.26 -3.98 -27.12
CA LYS A 198 21.28 -3.73 -28.17
C LYS A 198 21.63 -2.53 -29.04
N ASP A 199 22.28 -1.52 -28.46
CA ASP A 199 22.72 -0.33 -29.19
C ASP A 199 24.23 -0.14 -28.99
N PRO A 200 25.05 -0.82 -29.81
CA PRO A 200 26.50 -0.77 -29.63
C PRO A 200 27.11 0.62 -29.77
N SER A 201 26.41 1.53 -30.42
CA SER A 201 26.89 2.91 -30.60
C SER A 201 27.06 3.66 -29.28
N LYS A 202 26.47 3.15 -28.20
CA LYS A 202 26.63 3.75 -26.88
C LYS A 202 28.03 3.57 -26.30
N ALA A 203 28.83 2.67 -26.88
CA ALA A 203 30.20 2.47 -26.45
C ALA A 203 30.98 3.77 -26.33
N THR A 204 30.76 4.69 -27.27
CA THR A 204 31.48 5.97 -27.28
C THR A 204 31.19 6.80 -26.04
N ALA A 205 29.90 6.94 -25.72
CA ALA A 205 29.48 7.74 -24.56
C ALA A 205 30.02 7.13 -23.27
N ILE A 206 30.05 5.80 -23.22
CA ILE A 206 30.63 5.07 -22.09
C ILE A 206 32.10 5.43 -21.93
N GLY A 207 32.84 5.38 -23.03
CA GLY A 207 34.26 5.74 -23.05
C GLY A 207 34.50 7.14 -22.51
N THR A 208 33.70 8.09 -22.97
CA THR A 208 33.80 9.48 -22.55
C THR A 208 33.66 9.64 -21.03
N LEU A 209 32.68 8.94 -20.45
CA LEU A 209 32.47 8.98 -19.00
C LEU A 209 33.61 8.34 -18.23
N LEU A 210 34.14 7.25 -18.75
CA LEU A 210 35.31 6.60 -18.15
C LEU A 210 36.54 7.50 -18.15
N GLN A 211 36.77 8.21 -19.25
CA GLN A 211 37.88 9.16 -19.34
C GLN A 211 37.72 10.30 -18.33
N ALA A 212 36.49 10.77 -18.16
CA ALA A 212 36.23 11.93 -17.30
C ALA A 212 36.37 11.59 -15.82
N GLY A 213 35.94 10.40 -15.43
CA GLY A 213 35.94 10.01 -14.02
C GLY A 213 34.91 10.81 -13.23
N GLY A 214 35.16 10.97 -11.94
CA GLY A 214 34.24 11.67 -11.06
C GLY A 214 32.93 10.92 -10.86
N MSE A 215 33.01 9.58 -10.86
CA MSE A 215 31.84 8.72 -10.65
C MSE A 215 31.98 8.02 -9.33
O MSE A 215 33.05 8.03 -8.71
CB MSE A 215 31.71 7.73 -11.81
CG MSE A 215 31.32 8.45 -13.11
SE MSE A 215 30.87 7.21 -14.58
CE MSE A 215 32.67 6.50 -14.88
N VAL A 216 30.88 7.41 -8.88
CA VAL A 216 30.81 6.77 -7.56
C VAL A 216 31.99 5.81 -7.37
N SER A 217 32.74 5.97 -6.29
CA SER A 217 33.97 5.16 -6.08
C SER A 217 34.23 4.65 -4.66
N SER A 218 33.59 5.25 -3.65
CA SER A 218 33.71 4.74 -2.28
C SER A 218 32.35 4.73 -1.61
N ALA A 219 32.26 4.13 -0.43
CA ALA A 219 30.96 3.88 0.21
C ALA A 219 30.21 5.16 0.54
N SER A 220 30.94 6.23 0.85
CA SER A 220 30.29 7.51 1.14
C SER A 220 29.51 8.08 -0.06
N ASP A 221 29.84 7.61 -1.27
CA ASP A 221 29.14 8.04 -2.48
C ASP A 221 27.84 7.28 -2.73
N ASN A 222 27.62 6.19 -2.01
CA ASN A 222 26.48 5.30 -2.27
C ASN A 222 25.16 6.02 -2.16
N LEU A 223 24.23 5.66 -3.05
CA LEU A 223 22.85 6.08 -2.92
C LEU A 223 22.15 5.01 -2.09
N VAL A 224 21.82 5.36 -0.85
CA VAL A 224 21.29 4.39 0.09
C VAL A 224 20.22 5.06 0.97
N PHE A 225 19.08 4.39 1.16
CA PHE A 225 18.05 4.87 2.07
C PHE A 225 18.30 4.28 3.45
N PRO A 226 18.49 5.14 4.47
CA PRO A 226 18.83 4.65 5.80
C PRO A 226 17.61 4.44 6.70
N TYR A 227 17.16 3.18 6.79
CA TYR A 227 16.19 2.78 7.80
C TYR A 227 16.85 2.87 9.18
N SER A 228 16.04 2.95 10.23
CA SER A 228 16.55 3.03 11.59
C SER A 228 15.69 2.18 12.53
N ALA A 229 16.08 2.13 13.80
CA ALA A 229 15.33 1.40 14.82
C ALA A 229 14.09 2.18 15.30
N GLU A 230 14.06 3.48 15.05
CA GLU A 230 12.88 4.31 15.35
C GLU A 230 11.62 3.69 14.75
N PRO A 231 10.59 3.44 15.59
CA PRO A 231 9.32 3.02 14.99
C PRO A 231 8.82 4.09 14.03
N GLY A 232 8.37 3.67 12.85
CA GLY A 232 7.97 4.60 11.79
C GLY A 232 8.99 4.70 10.68
N ASN A 233 10.23 4.29 10.95
CA ASN A 233 11.26 4.24 9.90
C ASN A 233 12.03 2.91 9.93
N GLN A 234 11.32 1.82 10.22
CA GLN A 234 11.92 0.49 10.21
C GLN A 234 11.79 -0.15 8.84
N ASN A 235 12.79 -0.95 8.47
CA ASN A 235 12.81 -1.61 7.18
C ASN A 235 11.68 -2.63 7.13
N PRO A 236 10.80 -2.54 6.13
CA PRO A 236 9.68 -3.47 5.95
C PRO A 236 10.06 -4.96 6.02
N LYS A 237 11.28 -5.29 5.61
CA LYS A 237 11.76 -6.66 5.70
C LYS A 237 11.73 -7.21 7.13
N TYR A 238 11.93 -6.35 8.12
CA TYR A 238 11.86 -6.76 9.52
C TYR A 238 10.45 -7.19 9.90
N GLU A 239 9.47 -6.35 9.54
CA GLU A 239 8.06 -6.64 9.79
C GLU A 239 7.65 -7.98 9.17
N LEU A 240 8.11 -8.23 7.95
CA LEU A 240 7.83 -9.47 7.25
C LEU A 240 8.19 -10.70 8.08
N ILE A 241 9.35 -10.67 8.71
CA ILE A 241 9.83 -11.77 9.54
C ILE A 241 9.16 -11.76 10.93
N GLU A 242 8.88 -10.58 11.47
CA GLU A 242 8.17 -10.50 12.76
C GLU A 242 6.78 -11.14 12.68
N LEU A 243 6.11 -10.97 11.55
CA LEU A 243 4.77 -11.51 11.37
C LEU A 243 4.74 -13.04 11.38
N VAL A 244 5.87 -13.69 11.11
CA VAL A 244 5.96 -15.17 11.18
C VAL A 244 6.75 -15.66 12.38
N GLY A 245 6.87 -14.82 13.41
CA GLY A 245 7.46 -15.20 14.69
C GLY A 245 8.86 -14.68 14.99
N GLY A 246 9.44 -13.94 14.05
CA GLY A 246 10.78 -13.37 14.23
C GLY A 246 11.92 -14.31 13.85
N THR A 247 11.59 -15.52 13.39
CA THR A 247 12.58 -16.45 12.89
C THR A 247 12.54 -16.48 11.37
N GLN A 248 13.71 -16.34 10.76
CA GLN A 248 13.84 -16.18 9.31
C GLN A 248 13.78 -17.55 8.63
N ILE A 249 12.58 -17.93 8.22
CA ILE A 249 12.31 -19.24 7.60
C ILE A 249 11.53 -19.08 6.30
N LEU A 250 11.66 -17.91 5.66
CA LEU A 250 10.95 -17.63 4.42
C LEU A 250 11.87 -17.49 3.21
N PHE A 251 13.14 -17.16 3.43
CA PHE A 251 14.11 -16.89 2.35
C PHE A 251 15.34 -17.76 2.52
N PHE A 252 15.61 -18.60 1.54
CA PHE A 252 16.65 -19.64 1.66
C PHE A 252 17.79 -19.47 0.66
N ALA A 253 18.96 -19.97 1.04
CA ALA A 253 20.13 -19.95 0.17
C ALA A 253 19.88 -20.74 -1.11
N SER A 254 19.99 -20.06 -2.25
CA SER A 254 19.88 -20.68 -3.56
C SER A 254 21.22 -21.28 -3.94
N ASN A 255 21.20 -22.51 -4.45
CA ASN A 255 22.42 -23.15 -4.96
C ASN A 255 23.09 -22.38 -6.09
N TYR A 256 22.29 -21.65 -6.88
CA TYR A 256 22.84 -20.79 -7.93
C TYR A 256 23.72 -19.67 -7.36
N MSE A 257 23.51 -19.32 -6.10
CA MSE A 257 24.27 -18.27 -5.40
C MSE A 257 25.36 -18.85 -4.53
O MSE A 257 26.50 -18.39 -4.58
CB MSE A 257 23.27 -17.49 -4.53
CG MSE A 257 23.91 -16.40 -3.67
SE MSE A 257 24.74 -15.01 -4.77
CE MSE A 257 23.20 -14.56 -5.89
N LEU A 258 25.00 -19.84 -3.72
CA LEU A 258 25.93 -20.39 -2.72
C LEU A 258 27.08 -21.20 -3.32
N LYS A 259 26.78 -22.03 -4.30
CA LYS A 259 27.81 -22.92 -4.87
C LYS A 259 28.97 -22.15 -5.51
N PRO A 260 28.68 -21.14 -6.35
CA PRO A 260 29.79 -20.33 -6.90
C PRO A 260 30.64 -19.65 -5.81
N MSE A 261 29.97 -19.21 -4.74
CA MSE A 261 30.65 -18.58 -3.60
C MSE A 261 31.54 -19.58 -2.92
O MSE A 261 32.67 -19.26 -2.55
CB MSE A 261 29.63 -17.97 -2.64
CG MSE A 261 28.93 -16.76 -3.27
SE MSE A 261 27.50 -16.14 -2.09
CE MSE A 261 28.62 -14.97 -0.99
N GLN A 262 31.05 -20.80 -2.75
CA GLN A 262 31.84 -21.85 -2.10
C GLN A 262 33.05 -22.29 -2.92
N GLU A 263 32.88 -22.38 -4.24
CA GLU A 263 34.01 -22.73 -5.12
C GLU A 263 35.11 -21.67 -5.08
N ARG A 264 34.75 -20.44 -4.77
CA ARG A 264 35.70 -19.34 -4.70
C ARG A 264 36.15 -19.02 -3.26
N ASN A 265 35.61 -19.75 -2.28
CA ASN A 265 35.86 -19.51 -0.85
C ASN A 265 35.54 -18.08 -0.42
N ASP A 266 34.35 -17.63 -0.82
CA ASP A 266 33.93 -16.25 -0.66
C ASP A 266 33.59 -15.96 0.81
N PRO A 267 34.27 -14.98 1.41
CA PRO A 267 34.05 -14.66 2.82
C PRO A 267 32.74 -13.94 3.12
N ARG A 268 31.93 -13.67 2.10
CA ARG A 268 30.58 -13.12 2.29
C ARG A 268 29.56 -14.18 2.69
N ILE A 269 29.88 -15.46 2.53
CA ILE A 269 28.93 -16.53 2.84
C ILE A 269 28.30 -16.38 4.24
N PRO A 270 29.12 -16.18 5.29
CA PRO A 270 28.55 -15.95 6.64
C PRO A 270 27.74 -14.66 6.78
N CYS A 271 27.96 -13.69 5.89
CA CYS A 271 27.20 -12.44 5.93
C CYS A 271 25.87 -12.56 5.18
N TYR A 272 25.87 -13.34 4.11
CA TYR A 272 24.67 -13.57 3.30
C TYR A 272 23.74 -14.61 3.92
N PHE A 273 24.33 -15.62 4.56
CA PHE A 273 23.56 -16.76 5.04
C PHE A 273 23.83 -17.07 6.50
N GLU A 274 22.86 -17.77 7.11
CA GLU A 274 23.08 -18.47 8.36
C GLU A 274 23.47 -19.89 7.99
N PRO A 275 24.38 -20.49 8.75
CA PRO A 275 24.65 -21.90 8.52
C PRO A 275 23.51 -22.78 9.00
N GLY A 276 23.51 -24.04 8.56
CA GLY A 276 22.66 -25.06 9.15
C GLY A 276 23.02 -25.27 10.61
N ALA A 277 22.21 -26.06 11.30
CA ALA A 277 22.38 -26.27 12.73
C ALA A 277 23.75 -26.88 13.04
N ASP A 278 24.32 -27.63 12.11
CA ASP A 278 25.61 -28.30 12.33
C ASP A 278 26.81 -27.40 12.06
N GLY A 279 26.56 -26.15 11.65
CA GLY A 279 27.63 -25.20 11.33
C GLY A 279 28.04 -25.19 9.87
N VAL A 280 27.40 -26.03 9.05
CA VAL A 280 27.73 -26.17 7.62
C VAL A 280 26.76 -25.31 6.79
N TYR A 281 27.31 -24.59 5.82
CA TYR A 281 26.50 -23.84 4.87
C TYR A 281 26.11 -24.74 3.70
N ARG A 282 24.81 -24.86 3.46
CA ARG A 282 24.32 -25.69 2.38
C ARG A 282 23.04 -25.06 1.80
N GLY A 283 22.87 -25.17 0.48
CA GLY A 283 21.79 -24.49 -0.24
C GLY A 283 20.71 -25.42 -0.77
N LEU A 284 19.84 -24.86 -1.60
CA LEU A 284 18.69 -25.57 -2.13
C LEU A 284 18.41 -25.13 -3.56
N GLY A 285 17.79 -26.02 -4.33
CA GLY A 285 17.29 -25.66 -5.65
C GLY A 285 15.96 -24.97 -5.52
N ASN A 286 15.47 -24.45 -6.64
CA ASN A 286 14.15 -23.84 -6.71
C ASN A 286 13.10 -24.80 -6.18
N ARG A 287 12.33 -24.35 -5.19
CA ARG A 287 11.24 -25.14 -4.58
C ARG A 287 11.66 -26.45 -3.89
N GLU A 288 12.97 -26.70 -3.75
CA GLU A 288 13.45 -27.87 -3.05
C GLU A 288 13.11 -27.72 -1.55
N PRO A 289 12.51 -28.76 -0.95
CA PRO A 289 12.16 -28.67 0.47
C PRO A 289 13.37 -28.48 1.38
N ALA A 290 13.25 -27.55 2.32
CA ALA A 290 14.30 -27.29 3.30
C ALA A 290 14.55 -28.54 4.13
N VAL A 291 15.83 -28.80 4.40
CA VAL A 291 16.22 -30.00 5.12
C VAL A 291 16.26 -29.74 6.61
N THR A 292 15.57 -30.58 7.36
CA THR A 292 15.61 -30.57 8.81
C THR A 292 15.97 -31.97 9.31
N ASP A 293 16.51 -32.04 10.52
CA ASP A 293 16.72 -33.35 11.16
C ASP A 293 15.41 -33.81 11.84
N ASP A 294 15.45 -34.96 12.51
CA ASP A 294 14.27 -35.51 13.20
C ASP A 294 13.79 -34.60 14.35
N LYS A 295 14.70 -33.81 14.93
CA LYS A 295 14.35 -32.89 16.02
C LYS A 295 13.85 -31.54 15.50
N ASP A 296 13.70 -31.42 14.18
CA ASP A 296 13.16 -30.22 13.57
C ASP A 296 14.14 -29.02 13.62
N ASN A 297 15.44 -29.30 13.62
CA ASN A 297 16.47 -28.26 13.51
C ASN A 297 16.76 -27.99 12.05
N MSE A 298 16.97 -26.71 11.70
CA MSE A 298 17.13 -26.30 10.30
C MSE A 298 18.55 -26.60 9.86
O MSE A 298 19.50 -26.06 10.42
CB MSE A 298 16.79 -24.81 10.18
CG MSE A 298 16.95 -24.23 8.77
SE MSE A 298 15.88 -25.24 7.46
CE MSE A 298 14.14 -24.48 8.00
N LEU A 299 18.69 -27.48 8.88
CA LEU A 299 20.01 -27.83 8.35
C LEU A 299 20.37 -27.06 7.06
N SER A 300 19.36 -26.66 6.29
CA SER A 300 19.56 -25.80 5.13
C SER A 300 19.95 -24.39 5.60
N SER A 301 20.69 -23.68 4.76
CA SER A 301 21.04 -22.28 5.05
C SER A 301 19.90 -21.36 4.66
N VAL A 302 19.52 -20.50 5.60
CA VAL A 302 18.56 -19.43 5.31
C VAL A 302 19.35 -18.16 5.04
N VAL A 303 18.71 -17.21 4.37
CA VAL A 303 19.32 -15.89 4.15
C VAL A 303 19.48 -15.24 5.52
N SER A 304 20.61 -14.58 5.74
CA SER A 304 20.96 -14.06 7.06
C SER A 304 19.87 -13.18 7.65
N SER A 305 19.52 -13.43 8.91
CA SER A 305 18.50 -12.66 9.60
CA SER A 305 18.50 -12.66 9.60
C SER A 305 18.94 -11.21 9.75
N TYR A 306 20.26 -11.02 9.81
CA TYR A 306 20.83 -9.68 9.91
C TYR A 306 20.40 -8.77 8.77
N LEU A 307 20.20 -9.35 7.58
CA LEU A 307 19.75 -8.59 6.42
C LEU A 307 18.27 -8.21 6.51
N PHE A 308 17.54 -8.77 7.47
CA PHE A 308 16.14 -8.46 7.71
C PHE A 308 15.94 -7.68 9.00
N ARG A 309 17.02 -7.09 9.53
CA ARG A 309 16.91 -6.32 10.76
C ARG A 309 16.23 -4.97 10.52
N LYS A 310 15.76 -4.37 11.61
CA LYS A 310 14.96 -3.14 11.58
C LYS A 310 15.63 -2.01 10.82
N ASP A 311 16.94 -1.88 11.06
CA ASP A 311 17.70 -0.76 10.51
C ASP A 311 18.58 -1.17 9.35
N ALA A 312 18.22 -2.24 8.66
CA ALA A 312 18.96 -2.64 7.47
C ALA A 312 18.79 -1.55 6.44
N PRO A 313 19.91 -1.04 5.87
CA PRO A 313 19.81 -0.02 4.83
C PRO A 313 19.32 -0.59 3.51
N GLU A 314 18.68 0.24 2.69
CA GLU A 314 18.28 -0.12 1.33
C GLU A 314 19.22 0.54 0.33
N LEU A 315 20.10 -0.27 -0.25
CA LEU A 315 21.14 0.18 -1.17
C LEU A 315 20.57 0.29 -2.59
N ILE A 316 20.61 1.48 -3.16
CA ILE A 316 19.99 1.74 -4.45
C ILE A 316 21.03 1.83 -5.58
N TYR A 317 22.15 2.47 -5.30
CA TYR A 317 23.31 2.41 -6.19
C TYR A 317 24.59 2.42 -5.37
N SER A 318 25.47 1.45 -5.63
CA SER A 318 26.65 1.22 -4.80
C SER A 318 27.93 1.39 -5.57
N CYS A 319 29.04 1.58 -4.86
CA CYS A 319 30.34 1.73 -5.50
C CYS A 319 30.85 0.40 -6.05
N GLN A 320 30.49 -0.71 -5.41
CA GLN A 320 30.80 -2.05 -5.93
C GLN A 320 30.23 -2.19 -7.31
N GLU A 321 28.94 -1.88 -7.40
CA GLU A 321 28.17 -2.00 -8.61
C GLU A 321 28.86 -1.20 -9.71
N GLN A 322 29.22 0.03 -9.40
CA GLN A 322 29.91 0.91 -10.32
C GLN A 322 31.28 0.36 -10.72
N LEU A 323 32.05 -0.06 -9.72
CA LEU A 323 33.42 -0.49 -9.96
C LEU A 323 33.50 -1.76 -10.81
N LEU A 324 32.58 -2.71 -10.58
CA LEU A 324 32.54 -3.92 -11.39
C LEU A 324 32.04 -3.65 -12.81
N LEU A 325 31.19 -2.64 -12.98
CA LEU A 325 30.76 -2.25 -14.33
C LEU A 325 31.90 -1.56 -15.09
N GLU A 326 32.65 -0.70 -14.39
CA GLU A 326 33.85 -0.10 -14.99
C GLU A 326 34.84 -1.20 -15.41
N ALA A 327 35.07 -2.17 -14.53
CA ALA A 327 35.95 -3.31 -14.83
C ALA A 327 35.48 -4.04 -16.08
N GLU A 328 34.19 -4.29 -16.15
CA GLU A 328 33.57 -4.93 -17.32
C GLU A 328 33.80 -4.14 -18.62
N ALA A 329 33.63 -2.83 -18.54
CA ALA A 329 33.79 -1.96 -19.70
C ALA A 329 35.20 -2.05 -20.27
N TYR A 330 36.19 -2.05 -19.39
CA TYR A 330 37.58 -2.17 -19.81
C TYR A 330 37.90 -3.57 -20.33
N ALA A 331 37.29 -4.59 -19.74
CA ALA A 331 37.46 -5.95 -20.22
C ALA A 331 36.89 -6.14 -21.63
N ARG A 332 35.79 -5.44 -21.93
CA ARG A 332 35.11 -5.59 -23.22
C ARG A 332 35.56 -4.55 -24.24
N GLY A 333 36.28 -3.53 -23.78
CA GLY A 333 36.75 -2.47 -24.66
C GLY A 333 35.60 -1.63 -25.20
N LEU A 334 34.76 -1.14 -24.29
CA LEU A 334 33.60 -0.32 -24.66
C LEU A 334 34.00 1.15 -24.67
N GLY A 335 34.36 1.65 -25.86
CA GLY A 335 34.77 3.05 -26.03
C GLY A 335 36.15 3.36 -25.48
N VAL A 336 36.82 2.33 -24.97
CA VAL A 336 38.20 2.41 -24.52
C VAL A 336 38.88 1.19 -25.09
N ALA A 337 40.20 1.22 -25.15
CA ALA A 337 40.96 0.05 -25.58
C ALA A 337 40.77 -1.06 -24.55
N GLN A 338 40.56 -2.27 -25.03
CA GLN A 338 40.47 -3.43 -24.17
C GLN A 338 41.72 -3.46 -23.28
N ASN A 339 41.51 -3.66 -21.98
CA ASN A 339 42.57 -3.54 -20.99
C ASN A 339 42.27 -4.35 -19.74
N LEU A 340 42.78 -5.58 -19.70
CA LEU A 340 42.54 -6.47 -18.57
C LEU A 340 43.34 -6.08 -17.32
N SER A 341 44.37 -5.27 -17.48
CA SER A 341 45.13 -4.74 -16.35
C SER A 341 44.27 -3.79 -15.53
N LYS A 342 43.71 -2.79 -16.21
CA LYS A 342 42.78 -1.83 -15.59
C LYS A 342 41.53 -2.56 -15.08
N ALA A 343 41.01 -3.50 -15.87
CA ALA A 343 39.85 -4.28 -15.46
C ALA A 343 40.11 -5.02 -14.15
N ASN A 344 41.28 -5.63 -14.04
CA ASN A 344 41.67 -6.33 -12.84
C ASN A 344 41.73 -5.41 -11.63
N GLU A 345 42.29 -4.22 -11.81
CA GLU A 345 42.39 -3.24 -10.74
C GLU A 345 41.02 -2.88 -10.17
N LEU A 346 40.05 -2.68 -11.06
CA LEU A 346 38.71 -2.26 -10.68
C LEU A 346 37.87 -3.40 -10.11
N TYR A 347 38.06 -4.59 -10.68
CA TYR A 347 37.47 -5.83 -10.20
C TYR A 347 37.88 -6.07 -8.74
N LYS A 348 39.19 -6.01 -8.47
CA LYS A 348 39.70 -6.15 -7.10
C LYS A 348 39.12 -5.11 -6.17
N LYS A 349 39.12 -3.86 -6.62
CA LYS A 349 38.58 -2.75 -5.84
C LYS A 349 37.09 -2.94 -5.54
N GLY A 350 36.34 -3.38 -6.53
CA GLY A 350 34.89 -3.58 -6.36
C GLY A 350 34.56 -4.69 -5.37
N ILE A 351 35.32 -5.76 -5.43
CA ILE A 351 35.14 -6.89 -4.51
C ILE A 351 35.47 -6.46 -3.08
N ARG A 352 36.49 -5.62 -2.91
CA ARG A 352 36.83 -5.10 -1.60
C ARG A 352 35.68 -4.28 -1.01
N GLU A 353 35.13 -3.38 -1.82
CA GLU A 353 34.02 -2.55 -1.36
C GLU A 353 32.77 -3.38 -1.09
N ALA A 354 32.55 -4.42 -1.89
CA ALA A 354 31.41 -5.33 -1.69
C ALA A 354 31.50 -6.00 -0.35
N CYS A 355 32.64 -6.66 -0.12
CA CYS A 355 32.84 -7.37 1.14
C CYS A 355 32.77 -6.42 2.33
N ALA A 356 33.37 -5.24 2.18
CA ALA A 356 33.35 -4.24 3.26
C ALA A 356 31.92 -3.83 3.59
N PHE A 357 31.10 -3.63 2.56
CA PHE A 357 29.72 -3.23 2.78
C PHE A 357 28.98 -4.22 3.66
N TYR A 358 29.22 -5.51 3.44
CA TYR A 358 28.53 -6.57 4.19
C TYR A 358 29.25 -6.99 5.48
N GLY A 359 30.33 -6.28 5.82
CA GLY A 359 30.97 -6.40 7.12
C GLY A 359 32.03 -7.49 7.24
N VAL A 360 32.58 -7.93 6.11
CA VAL A 360 33.68 -8.89 6.12
C VAL A 360 34.89 -8.20 6.73
N ALA A 361 35.61 -8.92 7.58
CA ALA A 361 36.79 -8.38 8.24
C ALA A 361 37.91 -8.11 7.22
N GLU A 362 38.69 -7.07 7.47
CA GLU A 362 39.77 -6.65 6.55
C GLU A 362 40.67 -7.81 6.12
N ALA A 363 41.09 -8.61 7.08
CA ALA A 363 42.03 -9.70 6.81
C ALA A 363 41.44 -10.75 5.88
N ASP A 364 40.15 -11.04 6.05
CA ASP A 364 39.45 -12.01 5.21
C ASP A 364 39.22 -11.46 3.79
N ILE A 365 39.05 -10.15 3.67
CA ILE A 365 38.95 -9.52 2.35
C ILE A 365 40.27 -9.66 1.61
N ASP A 366 41.36 -9.31 2.29
CA ASP A 366 42.71 -9.44 1.74
C ASP A 366 42.95 -10.85 1.21
N THR A 367 42.74 -11.84 2.06
CA THR A 367 42.89 -13.24 1.70
C THR A 367 42.10 -13.61 0.43
N TYR A 368 40.85 -13.18 0.37
CA TYR A 368 39.95 -13.54 -0.73
C TYR A 368 40.44 -12.94 -2.05
N VAL A 369 40.70 -11.63 -2.02
CA VAL A 369 41.13 -10.89 -3.20
C VAL A 369 42.52 -11.31 -3.69
N THR A 370 43.43 -11.54 -2.75
CA THR A 370 44.75 -12.09 -3.04
C THR A 370 44.64 -13.43 -3.78
N GLY A 371 43.79 -14.32 -3.27
CA GLY A 371 43.67 -15.67 -3.81
C GLY A 371 42.98 -15.77 -5.16
N LEU A 372 42.14 -14.78 -5.47
CA LEU A 372 41.46 -14.74 -6.76
C LEU A 372 42.49 -14.52 -7.87
N PRO A 373 42.37 -15.28 -8.97
CA PRO A 373 43.24 -15.06 -10.12
C PRO A 373 43.20 -13.62 -10.62
N GLU A 374 44.34 -13.16 -11.11
CA GLU A 374 44.41 -11.87 -11.81
C GLU A 374 43.67 -12.04 -13.13
N LEU A 375 42.82 -11.08 -13.47
CA LEU A 375 42.14 -11.08 -14.76
C LEU A 375 43.16 -11.09 -15.90
N THR A 376 44.28 -10.40 -15.67
CA THR A 376 45.50 -10.44 -16.50
C THR A 376 45.89 -11.85 -16.96
N ALA A 377 45.78 -12.83 -16.06
CA ALA A 377 46.21 -14.20 -16.32
C ALA A 377 45.12 -15.10 -16.95
N LEU A 378 43.99 -14.51 -17.34
CA LEU A 378 42.88 -15.27 -17.93
C LEU A 378 42.62 -14.80 -19.36
N THR A 379 41.93 -15.63 -20.13
CA THR A 379 41.42 -15.20 -21.45
C THR A 379 40.39 -14.09 -21.21
N GLN A 380 40.16 -13.25 -22.22
CA GLN A 380 39.20 -12.14 -22.06
C GLN A 380 37.81 -12.71 -21.74
N GLU A 381 37.51 -13.86 -22.34
CA GLU A 381 36.22 -14.55 -22.13
C GLU A 381 36.06 -15.01 -20.69
N LYS A 382 37.09 -15.65 -20.14
CA LYS A 382 37.06 -16.14 -18.77
C LYS A 382 37.08 -15.00 -17.75
N ALA A 383 37.86 -13.96 -18.04
CA ALA A 383 37.93 -12.77 -17.18
C ALA A 383 36.56 -12.08 -17.09
N LEU A 384 35.87 -11.98 -18.21
CA LEU A 384 34.55 -11.36 -18.25
C LEU A 384 33.54 -12.20 -17.48
N TYR A 385 33.65 -13.53 -17.60
CA TYR A 385 32.79 -14.45 -16.86
C TYR A 385 32.94 -14.24 -15.36
N GLU A 386 34.18 -14.07 -14.88
CA GLU A 386 34.44 -13.85 -13.46
C GLU A 386 33.93 -12.50 -12.97
N ILE A 387 33.98 -11.48 -13.82
CA ILE A 387 33.40 -10.18 -13.47
C ILE A 387 31.89 -10.32 -13.34
N HIS A 388 31.26 -10.94 -14.32
CA HIS A 388 29.83 -11.19 -14.29
C HIS A 388 29.40 -11.98 -13.05
N MSE A 389 30.18 -13.01 -12.69
CA MSE A 389 29.86 -13.83 -11.51
C MSE A 389 29.95 -13.03 -10.25
O MSE A 389 29.10 -13.18 -9.36
CB MSE A 389 30.80 -15.02 -11.42
CG MSE A 389 30.48 -15.95 -10.25
SE MSE A 389 28.68 -16.71 -10.49
CE MSE A 389 29.15 -18.18 -11.69
N GLN A 390 30.96 -12.16 -10.15
CA GLN A 390 31.10 -11.28 -8.99
C GLN A 390 29.94 -10.29 -8.90
N GLN A 391 29.42 -9.87 -10.05
CA GLN A 391 28.27 -8.98 -10.08
C GLN A 391 27.03 -9.69 -9.57
N TRP A 392 26.84 -10.92 -10.03
CA TRP A 392 25.73 -11.78 -9.57
C TRP A 392 25.81 -12.03 -8.06
N ILE A 393 27.02 -12.30 -7.57
CA ILE A 393 27.23 -12.50 -6.12
C ILE A 393 26.91 -11.21 -5.35
N ASP A 394 27.32 -10.07 -5.88
CA ASP A 394 27.13 -8.80 -5.19
C ASP A 394 25.64 -8.47 -4.96
N LEU A 395 24.76 -8.95 -5.82
CA LEU A 395 23.38 -8.45 -5.84
C LEU A 395 22.31 -9.38 -5.27
N MSE A 396 22.70 -10.39 -4.50
CA MSE A 396 21.72 -11.33 -3.91
C MSE A 396 20.61 -10.64 -3.15
O MSE A 396 19.44 -10.98 -3.32
CB MSE A 396 22.40 -12.31 -2.97
CG MSE A 396 21.45 -13.47 -2.65
SE MSE A 396 21.87 -14.24 -0.90
CE MSE A 396 21.36 -12.77 0.29
N ASP A 397 20.97 -9.69 -2.29
CA ASP A 397 20.01 -8.97 -1.47
C ASP A 397 19.46 -7.70 -2.16
N ARG A 398 19.73 -7.56 -3.45
CA ARG A 398 19.25 -6.45 -4.25
C ARG A 398 18.62 -7.05 -5.51
N PRO A 399 17.49 -7.75 -5.35
CA PRO A 399 16.95 -8.59 -6.40
C PRO A 399 16.53 -7.86 -7.68
N PHE A 400 16.13 -6.59 -7.58
CA PHE A 400 15.85 -5.84 -8.80
C PHE A 400 17.11 -5.69 -9.67
N GLU A 401 18.19 -5.26 -9.05
CA GLU A 401 19.46 -5.09 -9.75
C GLU A 401 19.98 -6.45 -10.22
N GLU A 402 19.75 -7.47 -9.42
CA GLU A 402 20.14 -8.82 -9.78
C GLU A 402 19.48 -9.30 -11.06
N PHE A 403 18.19 -9.04 -11.18
CA PHE A 403 17.42 -9.48 -12.35
C PHE A 403 17.86 -8.75 -13.61
N VAL A 404 18.11 -7.45 -13.49
CA VAL A 404 18.73 -6.69 -14.57
C VAL A 404 20.09 -7.29 -14.92
N GLN A 405 20.93 -7.48 -13.90
CA GLN A 405 22.28 -8.00 -14.09
C GLN A 405 22.27 -9.35 -14.81
N TRP A 406 21.41 -10.26 -14.37
CA TRP A 406 21.41 -11.60 -14.95
C TRP A 406 21.07 -11.55 -16.44
N ARG A 407 20.00 -10.83 -16.77
CA ARG A 407 19.58 -10.66 -18.17
C ARG A 407 20.64 -9.98 -19.02
N ARG A 408 21.26 -8.94 -18.48
CA ARG A 408 22.30 -8.18 -19.19
C ARG A 408 23.58 -8.99 -19.37
N SER A 409 23.87 -9.92 -18.44
CA SER A 409 25.17 -10.59 -18.35
C SER A 409 25.58 -11.35 -19.61
N GLY A 410 24.61 -11.80 -20.39
CA GLY A 410 24.90 -12.58 -21.60
C GLY A 410 23.89 -12.42 -22.71
N THR A 411 24.28 -12.82 -23.91
CA THR A 411 23.39 -12.79 -25.07
C THR A 411 23.20 -14.21 -25.59
N ALA A 412 22.01 -14.50 -26.10
CA ALA A 412 21.68 -15.81 -26.68
C ALA A 412 21.95 -16.98 -25.73
N GLY A 413 21.38 -16.87 -24.53
CA GLY A 413 21.44 -17.96 -23.54
C GLY A 413 22.76 -18.15 -22.83
N ASN A 414 23.65 -17.16 -22.87
CA ASN A 414 24.95 -17.23 -22.20
C ASN A 414 25.02 -16.40 -20.91
N GLU A 415 23.87 -16.24 -20.26
CA GLU A 415 23.77 -15.47 -19.03
C GLU A 415 24.57 -16.15 -17.92
N VAL A 416 25.01 -15.35 -16.94
CA VAL A 416 25.83 -15.85 -15.84
C VAL A 416 25.10 -15.66 -14.51
N PRO A 417 24.86 -16.76 -13.77
CA PRO A 417 25.14 -18.15 -14.11
C PRO A 417 24.02 -18.74 -14.94
N THR A 418 24.23 -19.95 -15.44
CA THR A 418 23.19 -20.65 -16.17
C THR A 418 22.11 -21.14 -15.20
N LEU A 419 20.86 -20.81 -15.52
CA LEU A 419 19.71 -21.17 -14.69
C LEU A 419 18.80 -22.15 -15.41
N GLN A 420 18.14 -23.01 -14.63
CA GLN A 420 17.08 -23.88 -15.16
C GLN A 420 15.72 -23.27 -14.89
N VAL A 421 14.77 -23.55 -15.78
CA VAL A 421 13.38 -23.14 -15.58
C VAL A 421 12.84 -23.89 -14.38
N PRO A 422 12.12 -23.19 -13.48
CA PRO A 422 11.43 -23.87 -12.37
C PRO A 422 10.50 -24.98 -12.86
N GLU A 423 10.59 -26.15 -12.24
CA GLU A 423 9.88 -27.34 -12.70
C GLU A 423 8.36 -27.13 -12.80
N ASP A 424 7.78 -26.51 -11.78
CA ASP A 424 6.33 -26.38 -11.69
C ASP A 424 5.79 -25.09 -12.30
N ALA A 425 6.61 -24.40 -13.09
CA ALA A 425 6.16 -23.22 -13.80
C ALA A 425 5.44 -23.61 -15.09
N THR A 426 4.45 -22.82 -15.48
CA THR A 426 3.76 -23.01 -16.75
C THR A 426 4.74 -22.77 -17.89
N SER A 427 5.44 -21.64 -17.81
CA SER A 427 6.43 -21.24 -18.81
C SER A 427 7.44 -22.34 -19.11
N LYS A 428 7.82 -22.44 -20.39
CA LYS A 428 8.85 -23.39 -20.82
C LYS A 428 10.20 -22.69 -20.80
N GLU A 429 10.21 -21.37 -20.61
CA GLU A 429 11.44 -20.59 -20.65
C GLU A 429 11.62 -19.70 -19.43
N LEU A 430 12.86 -19.29 -19.21
CA LEU A 430 13.22 -18.45 -18.07
C LEU A 430 12.51 -17.10 -18.13
N ILE A 431 12.22 -16.54 -16.96
CA ILE A 431 11.51 -15.27 -16.86
C ILE A 431 12.37 -14.11 -17.32
N ARG A 432 11.74 -13.18 -18.03
CA ARG A 432 12.42 -12.03 -18.66
C ARG A 432 11.77 -10.68 -18.37
N ARG A 433 10.53 -10.68 -17.87
CA ARG A 433 9.79 -9.45 -17.65
C ARG A 433 8.57 -9.72 -16.78
N TRP A 434 7.84 -8.66 -16.47
CA TRP A 434 6.58 -8.76 -15.75
C TRP A 434 5.43 -8.43 -16.69
N GLU A 435 4.27 -9.00 -16.41
CA GLU A 435 3.05 -8.61 -17.12
C GLU A 435 2.58 -7.26 -16.60
N TYR A 436 1.82 -6.54 -17.43
CA TYR A 436 1.31 -5.22 -17.06
C TYR A 436 0.26 -5.29 -15.93
N SER A 437 0.11 -4.17 -15.21
CA SER A 437 -0.86 -4.08 -14.09
C SER A 437 -2.31 -4.08 -14.57
N PRO A 438 -3.24 -4.56 -13.73
CA PRO A 438 -4.65 -4.61 -14.13
C PRO A 438 -5.29 -3.23 -14.35
N GLU A 439 -5.00 -2.26 -13.48
CA GLU A 439 -5.58 -0.93 -13.61
C GLU A 439 -5.19 -0.27 -14.92
N GLU A 440 -3.92 -0.39 -15.31
CA GLU A 440 -3.46 0.24 -16.55
C GLU A 440 -4.07 -0.44 -17.78
N MSE A 441 -4.23 -1.75 -17.73
CA MSE A 441 -4.83 -2.51 -18.84
C MSE A 441 -6.31 -2.19 -18.98
O MSE A 441 -6.83 -2.12 -20.10
CB MSE A 441 -4.62 -4.01 -18.65
CG MSE A 441 -3.14 -4.37 -18.66
SE MSE A 441 -2.39 -4.30 -20.47
CE MSE A 441 -2.86 -6.16 -20.89
N THR A 442 -7.00 -2.01 -17.86
CA THR A 442 -8.43 -1.66 -17.85
C THR A 442 -8.66 -0.20 -18.25
N ALA A 443 -8.04 0.71 -17.51
CA ALA A 443 -8.38 2.15 -17.57
C ALA A 443 -7.80 2.90 -18.76
N ASN A 444 -6.58 2.55 -19.16
CA ASN A 444 -5.92 3.22 -20.27
C ASN A 444 -6.35 2.57 -21.59
N ILE A 445 -7.09 3.33 -22.40
CA ILE A 445 -7.55 2.85 -23.70
C ILE A 445 -6.42 2.75 -24.74
N ASN A 446 -5.29 3.39 -24.46
CA ASN A 446 -4.09 3.30 -25.31
C ASN A 446 -3.07 2.26 -24.84
N ALA A 447 -3.44 1.44 -23.85
CA ALA A 447 -2.60 0.34 -23.43
C ALA A 447 -2.78 -0.83 -24.39
N PRO A 448 -1.81 -1.76 -24.43
CA PRO A 448 -2.00 -2.98 -25.21
C PRO A 448 -3.25 -3.74 -24.76
N LYS A 449 -3.96 -4.36 -25.71
CA LYS A 449 -5.10 -5.20 -25.37
C LYS A 449 -4.62 -6.44 -24.61
N GLU A 450 -3.45 -6.95 -24.98
CA GLU A 450 -2.87 -8.16 -24.42
C GLU A 450 -1.51 -7.84 -23.81
N SER A 451 -1.20 -8.46 -22.67
CA SER A 451 0.12 -8.32 -22.06
C SER A 451 1.09 -9.31 -22.67
N PRO A 452 2.33 -8.89 -22.96
CA PRO A 452 3.33 -9.86 -23.40
C PRO A 452 3.58 -10.92 -22.32
N LYS A 453 3.98 -12.12 -22.74
CA LYS A 453 4.25 -13.19 -21.80
C LYS A 453 5.57 -12.95 -21.06
N ILE A 454 5.67 -13.50 -19.86
CA ILE A 454 6.80 -13.23 -18.95
C ILE A 454 8.16 -13.71 -19.46
N TRP A 455 8.15 -14.56 -20.48
CA TRP A 455 9.40 -15.06 -21.07
C TRP A 455 9.84 -14.27 -22.32
N GLU A 456 9.06 -13.26 -22.71
CA GLU A 456 9.39 -12.44 -23.88
C GLU A 456 10.40 -11.36 -23.53
N LYS A 457 11.60 -11.46 -24.10
CA LYS A 457 12.68 -10.53 -23.80
C LYS A 457 12.29 -9.08 -24.05
N LEU A 458 12.79 -8.20 -23.19
CA LEU A 458 12.69 -6.77 -23.40
C LEU A 458 13.75 -6.30 -24.39
N TRP A 459 13.63 -5.06 -24.83
CA TRP A 459 14.47 -4.50 -25.88
C TRP A 459 15.97 -4.65 -25.60
N PHE A 460 16.39 -4.25 -24.40
CA PHE A 460 17.81 -4.28 -24.03
C PHE A 460 18.41 -5.69 -24.00
N ASP A 461 17.54 -6.69 -23.83
CA ASP A 461 17.94 -8.06 -23.53
C ASP A 461 18.08 -8.89 -24.81
N LEU A 462 19.30 -9.33 -25.11
CA LEU A 462 19.56 -10.15 -26.30
C LEU A 462 19.76 -11.63 -25.95
N ALA B 10 4.73 -20.26 9.82
CA ALA B 10 4.23 -19.22 10.77
C ALA B 10 4.03 -19.83 12.17
N GLU B 11 5.02 -19.66 13.05
CA GLU B 11 5.08 -20.42 14.33
C GLU B 11 4.59 -19.59 15.54
N LYS B 12 5.36 -19.48 16.63
CA LYS B 12 4.93 -18.73 17.83
C LYS B 12 4.97 -17.22 17.61
N VAL B 13 3.81 -16.59 17.66
CA VAL B 13 3.67 -15.13 17.52
C VAL B 13 2.76 -14.57 18.62
N ASP B 14 3.13 -13.43 19.18
CA ASP B 14 2.32 -12.78 20.22
C ASP B 14 0.99 -12.32 19.61
N PRO B 15 -0.15 -12.70 20.23
CA PRO B 15 -1.45 -12.24 19.73
C PRO B 15 -1.60 -10.72 19.73
N GLY B 16 -1.01 -10.06 20.72
CA GLY B 16 -1.11 -8.61 20.87
C GLY B 16 -0.44 -7.86 19.74
N TYR B 17 0.78 -8.30 19.39
CA TYR B 17 1.49 -7.75 18.25
C TYR B 17 0.66 -7.83 16.99
N LEU B 18 0.07 -8.99 16.74
CA LEU B 18 -0.74 -9.21 15.53
C LEU B 18 -2.01 -8.35 15.53
N PHE B 19 -2.71 -8.34 16.66
CA PHE B 19 -3.93 -7.56 16.83
C PHE B 19 -3.68 -6.08 16.51
N ASN B 20 -2.60 -5.53 17.05
CA ASN B 20 -2.26 -4.12 16.86
C ASN B 20 -1.85 -3.82 15.42
N TYR B 21 -1.09 -4.74 14.83
CA TYR B 21 -0.73 -4.63 13.42
C TYR B 21 -1.98 -4.57 12.55
N VAL B 22 -2.97 -5.40 12.87
CA VAL B 22 -4.23 -5.39 12.14
C VAL B 22 -4.98 -4.08 12.35
N ALA B 23 -5.07 -3.65 13.61
CA ALA B 23 -5.75 -2.41 13.95
C ALA B 23 -5.17 -1.21 13.19
N VAL B 24 -3.85 -1.10 13.18
CA VAL B 24 -3.17 0.01 12.52
C VAL B 24 -3.44 0.00 11.02
N ASN B 25 -3.30 -1.17 10.39
CA ASN B 25 -3.49 -1.25 8.95
C ASN B 25 -4.95 -1.11 8.52
N TRP B 26 -5.85 -1.61 9.36
CA TRP B 26 -7.28 -1.42 9.15
C TRP B 26 -7.64 0.06 9.14
N ALA B 27 -7.20 0.80 10.16
CA ALA B 27 -7.43 2.25 10.19
C ALA B 27 -6.77 2.93 9.00
N GLY B 28 -5.54 2.52 8.68
CA GLY B 28 -4.82 3.04 7.51
C GLY B 28 -5.56 2.80 6.22
N THR B 29 -6.24 1.65 6.14
CA THR B 29 -7.05 1.32 4.97
C THR B 29 -8.32 2.18 4.91
N ARG B 30 -9.06 2.25 6.02
CA ARG B 30 -10.31 3.02 6.06
C ARG B 30 -10.12 4.53 5.80
N THR B 31 -8.97 5.08 6.17
CA THR B 31 -8.70 6.50 5.98
C THR B 31 -7.90 6.78 4.72
N GLY B 32 -7.53 5.71 4.00
CA GLY B 32 -6.69 5.83 2.82
C GLY B 32 -7.45 6.24 1.57
N GLY B 33 -6.70 6.68 0.57
CA GLY B 33 -7.29 7.17 -0.67
C GLY B 33 -7.92 6.10 -1.53
N ASP B 34 -7.59 4.84 -1.28
CA ASP B 34 -8.18 3.72 -2.02
C ASP B 34 -9.45 3.16 -1.37
N PHE B 35 -10.00 3.86 -0.38
CA PHE B 35 -11.21 3.43 0.34
C PHE B 35 -12.12 4.63 0.60
N TYR B 36 -11.59 5.62 1.30
CA TYR B 36 -12.33 6.83 1.68
C TYR B 36 -12.86 7.57 0.45
N ILE B 37 -12.00 7.72 -0.55
CA ILE B 37 -12.36 8.47 -1.75
C ILE B 37 -13.41 7.73 -2.61
N PRO B 38 -13.17 6.45 -2.95
CA PRO B 38 -14.22 5.70 -3.65
C PRO B 38 -15.59 5.77 -3.00
N LEU B 39 -15.65 5.57 -1.70
CA LEU B 39 -16.93 5.52 -1.00
C LEU B 39 -17.59 6.90 -0.88
N SER B 40 -16.81 7.93 -0.55
CA SER B 40 -17.40 9.27 -0.39
C SER B 40 -17.90 9.84 -1.71
N MSE B 41 -17.11 9.70 -2.77
CA MSE B 41 -17.45 10.26 -4.07
C MSE B 41 -18.52 9.46 -4.79
O MSE B 41 -19.37 10.04 -5.45
CB MSE B 41 -16.20 10.37 -4.95
CG MSE B 41 -15.13 11.26 -4.33
SE MSE B 41 -15.78 13.10 -4.13
CE MSE B 41 -14.69 13.62 -2.58
N SER B 42 -18.47 8.13 -4.68
CA SER B 42 -19.47 7.26 -5.35
C SER B 42 -20.82 7.31 -4.61
N SER B 43 -20.79 7.39 -3.28
CA SER B 43 -22.03 7.52 -2.51
C SER B 43 -22.65 8.91 -2.64
N GLN B 44 -21.82 9.89 -3.01
CA GLN B 44 -22.23 11.29 -3.21
C GLN B 44 -22.56 12.03 -1.91
N CYS B 45 -22.09 11.52 -0.78
CA CYS B 45 -22.15 12.25 0.49
C CYS B 45 -21.12 13.38 0.48
N GLN B 46 -20.17 13.31 -0.45
CA GLN B 46 -19.28 14.42 -0.79
C GLN B 46 -19.16 14.52 -2.31
N VAL B 47 -18.58 15.63 -2.79
CA VAL B 47 -18.29 15.79 -4.23
C VAL B 47 -16.89 16.33 -4.45
N ASP B 48 -16.43 16.31 -5.71
CA ASP B 48 -15.01 16.55 -6.02
C ASP B 48 -14.70 17.95 -6.54
N GLY B 49 -15.72 18.78 -6.73
CA GLY B 49 -15.51 20.14 -7.25
C GLY B 49 -15.14 20.19 -8.73
N GLY B 50 -15.40 19.11 -9.46
CA GLY B 50 -15.12 19.06 -10.89
C GLY B 50 -13.68 18.69 -11.22
N LEU B 51 -13.40 18.59 -12.51
CA LEU B 51 -12.09 18.09 -12.99
C LEU B 51 -10.90 19.02 -12.68
N ASP B 52 -11.16 20.31 -12.50
CA ASP B 52 -10.09 21.25 -12.16
C ASP B 52 -9.57 21.07 -10.73
N TYR B 53 -10.41 20.52 -9.85
CA TYR B 53 -10.03 20.36 -8.45
C TYR B 53 -9.84 18.89 -8.06
N GLY B 54 -10.80 18.29 -7.35
CA GLY B 54 -10.69 16.88 -6.95
C GLY B 54 -10.62 15.96 -8.15
N GLY B 55 -11.58 16.11 -9.05
CA GLY B 55 -11.61 15.36 -10.30
C GLY B 55 -11.38 13.87 -10.10
N TRP B 56 -12.11 13.31 -9.15
CA TRP B 56 -11.93 11.92 -8.77
C TRP B 56 -12.73 11.05 -9.72
N ASP B 57 -12.09 10.05 -10.30
CA ASP B 57 -12.78 9.09 -11.19
C ASP B 57 -13.96 8.41 -10.50
N GLU B 58 -13.88 8.29 -9.19
CA GLU B 58 -14.88 7.59 -8.42
C GLU B 58 -16.21 8.37 -8.35
N SER B 59 -16.17 9.66 -8.67
CA SER B 59 -17.38 10.47 -8.78
C SER B 59 -18.33 9.97 -9.87
N VAL B 60 -17.76 9.33 -10.91
CA VAL B 60 -18.55 8.73 -11.98
C VAL B 60 -18.52 7.19 -11.92
N TYR B 61 -18.35 6.66 -10.70
CA TYR B 61 -18.43 5.23 -10.41
C TYR B 61 -17.27 4.38 -10.95
N THR B 62 -16.18 5.03 -11.38
CA THR B 62 -15.00 4.30 -11.83
C THR B 62 -14.11 3.99 -10.62
N ILE B 63 -14.34 2.83 -10.02
CA ILE B 63 -13.53 2.36 -8.89
C ILE B 63 -12.37 1.54 -9.45
N SER B 64 -11.16 1.96 -9.14
CA SER B 64 -9.95 1.29 -9.65
C SER B 64 -9.85 -0.16 -9.20
N PRO B 65 -9.31 -1.04 -10.08
CA PRO B 65 -9.01 -2.42 -9.67
C PRO B 65 -7.89 -2.52 -8.64
N TYR B 66 -7.09 -1.46 -8.48
CA TYR B 66 -6.13 -1.41 -7.40
C TYR B 66 -6.84 -1.15 -6.06
N SER B 67 -7.85 -0.28 -6.07
CA SER B 67 -8.58 0.07 -4.86
C SER B 67 -9.36 -1.13 -4.31
N THR B 68 -9.99 -1.89 -5.19
CA THR B 68 -10.70 -3.10 -4.77
C THR B 68 -9.71 -4.16 -4.30
N GLY B 69 -8.58 -4.27 -5.00
CA GLY B 69 -7.55 -5.24 -4.65
C GLY B 69 -6.85 -4.93 -3.34
N ASN B 70 -6.52 -3.65 -3.13
CA ASN B 70 -5.86 -3.23 -1.91
C ASN B 70 -6.76 -3.45 -0.71
N THR B 71 -8.04 -3.10 -0.87
CA THR B 71 -9.03 -3.24 0.18
C THR B 71 -9.28 -4.72 0.48
N TRP B 72 -9.50 -5.51 -0.56
CA TRP B 72 -9.65 -6.96 -0.44
C TRP B 72 -8.44 -7.58 0.27
N LYS B 73 -7.24 -7.18 -0.17
CA LYS B 73 -5.99 -7.68 0.40
C LYS B 73 -5.97 -7.39 1.89
N HIS B 74 -6.47 -6.23 2.31
CA HIS B 74 -6.51 -5.95 3.72
C HIS B 74 -7.42 -6.88 4.51
N TYR B 75 -8.63 -7.10 4.02
CA TYR B 75 -9.59 -7.91 4.78
C TYR B 75 -9.13 -9.37 4.87
N TYR B 76 -8.51 -9.90 3.82
CA TYR B 76 -8.14 -11.32 3.79
C TYR B 76 -6.69 -11.63 4.19
N SER B 77 -5.72 -10.90 3.66
CA SER B 77 -4.31 -11.18 3.96
C SER B 77 -3.80 -10.46 5.20
N VAL B 78 -3.97 -9.14 5.22
CA VAL B 78 -3.44 -8.33 6.31
C VAL B 78 -4.25 -8.52 7.60
N GLY B 79 -5.57 -8.40 7.50
CA GLY B 79 -6.45 -8.48 8.67
C GLY B 79 -6.82 -9.90 9.06
N GLY B 80 -7.61 -10.55 8.20
CA GLY B 80 -8.16 -11.87 8.48
C GLY B 80 -7.14 -12.93 8.84
N ASN B 81 -6.16 -13.13 7.96
CA ASN B 81 -5.13 -14.15 8.18
C ASN B 81 -4.45 -13.98 9.55
N ASN B 82 -4.13 -12.75 9.91
CA ASN B 82 -3.41 -12.50 11.15
C ASN B 82 -4.27 -12.53 12.40
N LEU B 83 -5.55 -12.18 12.27
CA LEU B 83 -6.47 -12.35 13.37
C LEU B 83 -6.65 -13.85 13.66
N MSE B 84 -6.76 -14.68 12.61
CA MSE B 84 -6.88 -16.13 12.77
C MSE B 84 -5.65 -16.67 13.43
O MSE B 84 -5.73 -17.51 14.35
CB MSE B 84 -7.07 -16.84 11.44
CG MSE B 84 -8.41 -16.55 10.78
SE MSE B 84 -9.89 -17.41 11.77
CE MSE B 84 -9.49 -19.26 11.22
N LEU B 85 -4.48 -16.20 12.99
CA LEU B 85 -3.22 -16.59 13.59
C LEU B 85 -3.12 -16.18 15.05
N ALA B 86 -3.58 -14.98 15.37
CA ALA B 86 -3.57 -14.50 16.75
C ALA B 86 -4.47 -15.37 17.63
N ILE B 87 -5.63 -15.74 17.09
CA ILE B 87 -6.57 -16.60 17.80
C ILE B 87 -5.94 -17.96 18.07
N LYS B 88 -5.26 -18.52 17.08
CA LYS B 88 -4.61 -19.82 17.23
C LYS B 88 -3.53 -19.79 18.32
N ASN B 89 -2.74 -18.73 18.35
CA ASN B 89 -1.70 -18.59 19.36
C ASN B 89 -2.27 -18.38 20.75
N ALA B 90 -3.40 -17.68 20.84
CA ALA B 90 -4.10 -17.47 22.10
C ALA B 90 -4.72 -18.77 22.61
N GLU B 91 -5.25 -19.58 21.70
CA GLU B 91 -5.81 -20.88 22.05
C GLU B 91 -4.73 -21.82 22.59
N GLU B 92 -3.55 -21.75 21.97
CA GLU B 92 -2.42 -22.62 22.31
C GLU B 92 -1.56 -22.12 23.47
N ALA B 93 -1.82 -20.90 23.95
CA ALA B 93 -1.06 -20.34 25.07
C ALA B 93 -1.39 -21.04 26.40
N ASP B 94 -0.51 -20.82 27.39
CA ASP B 94 -0.68 -21.35 28.73
C ASP B 94 -0.38 -20.25 29.76
N PRO B 95 -1.42 -19.75 30.46
CA PRO B 95 -2.83 -20.14 30.36
C PRO B 95 -3.46 -19.68 29.04
N VAL B 96 -4.56 -20.32 28.66
CA VAL B 96 -5.29 -19.94 27.45
C VAL B 96 -5.75 -18.50 27.63
N ASN B 97 -5.47 -17.65 26.64
CA ASN B 97 -5.87 -16.25 26.69
C ASN B 97 -7.26 -16.05 26.08
N HIS B 98 -8.28 -16.33 26.88
CA HIS B 98 -9.67 -16.29 26.43
C HIS B 98 -10.07 -14.91 25.94
N ASN B 99 -9.65 -13.86 26.64
CA ASN B 99 -10.02 -12.50 26.27
C ASN B 99 -9.39 -12.05 24.95
N ALA B 100 -8.15 -12.48 24.71
CA ALA B 100 -7.47 -12.19 23.44
C ALA B 100 -8.25 -12.80 22.27
N ILE B 101 -8.78 -14.00 22.49
CA ILE B 101 -9.58 -14.67 21.49
C ILE B 101 -10.83 -13.86 21.21
N ALA B 102 -11.49 -13.38 22.26
CA ALA B 102 -12.70 -12.57 22.10
C ALA B 102 -12.39 -11.29 21.33
N GLN B 103 -11.34 -10.61 21.73
CA GLN B 103 -10.92 -9.37 21.08
C GLN B 103 -10.68 -9.60 19.60
N CYS B 104 -9.91 -10.64 19.27
CA CYS B 104 -9.59 -10.96 17.89
C CYS B 104 -10.83 -11.36 17.07
N LYS B 105 -11.74 -12.12 17.67
CA LYS B 105 -12.96 -12.53 16.98
C LYS B 105 -13.89 -11.37 16.67
N ILE B 106 -13.93 -10.38 17.56
CA ILE B 106 -14.75 -9.20 17.32
C ILE B 106 -14.23 -8.42 16.11
N LEU B 107 -12.91 -8.22 16.04
CA LEU B 107 -12.33 -7.55 14.88
C LEU B 107 -12.51 -8.36 13.60
N LEU B 108 -12.33 -9.67 13.68
CA LEU B 108 -12.53 -10.56 12.52
C LEU B 108 -13.96 -10.47 12.00
N ALA B 109 -14.92 -10.50 12.92
CA ALA B 109 -16.33 -10.30 12.57
C ALA B 109 -16.54 -9.00 11.81
N GLU B 110 -15.92 -7.93 12.31
CA GLU B 110 -16.09 -6.61 11.75
C GLU B 110 -15.41 -6.51 10.39
N HIS B 111 -14.30 -7.23 10.21
CA HIS B 111 -13.63 -7.28 8.91
C HIS B 111 -14.49 -7.97 7.86
N MSE B 112 -15.11 -9.09 8.22
CA MSE B 112 -15.95 -9.83 7.27
C MSE B 112 -17.23 -9.09 7.02
O MSE B 112 -17.74 -9.11 5.90
CB MSE B 112 -16.24 -11.25 7.75
CG MSE B 112 -14.96 -12.07 7.75
SE MSE B 112 -14.39 -12.41 5.91
CE MSE B 112 -12.84 -11.20 5.94
N TYR B 113 -17.76 -8.43 8.04
CA TYR B 113 -18.91 -7.54 7.86
C TYR B 113 -18.62 -6.49 6.79
N GLU B 114 -17.49 -5.81 6.91
CA GLU B 114 -17.15 -4.75 5.96
C GLU B 114 -16.98 -5.30 4.56
N ALA B 115 -16.34 -6.46 4.44
CA ALA B 115 -16.10 -7.05 3.14
C ALA B 115 -17.40 -7.42 2.43
N THR B 116 -18.32 -8.09 3.13
CA THR B 116 -19.58 -8.47 2.50
C THR B 116 -20.44 -7.26 2.11
N MSE B 117 -20.36 -6.17 2.88
CA MSE B 117 -21.11 -4.95 2.57
C MSE B 117 -20.57 -4.20 1.36
O MSE B 117 -21.21 -3.26 0.88
CB MSE B 117 -21.14 -3.99 3.75
CG MSE B 117 -21.85 -4.58 4.97
SE MSE B 117 -23.64 -5.25 4.54
CE MSE B 117 -24.47 -3.49 4.69
N LEU B 118 -19.41 -4.60 0.85
CA LEU B 118 -18.92 -4.07 -0.41
C LEU B 118 -19.15 -5.05 -1.57
N TRP B 119 -18.85 -6.33 -1.33
CA TRP B 119 -18.79 -7.32 -2.41
C TRP B 119 -19.89 -8.39 -2.40
N GLY B 120 -20.71 -8.41 -1.34
CA GLY B 120 -21.79 -9.40 -1.24
C GLY B 120 -21.27 -10.79 -0.93
N ASP B 121 -21.36 -11.68 -1.92
CA ASP B 121 -20.93 -13.07 -1.74
C ASP B 121 -19.41 -13.09 -1.76
N ILE B 122 -18.81 -13.64 -0.71
CA ILE B 122 -17.35 -13.65 -0.53
C ILE B 122 -16.90 -14.91 0.20
N PRO B 123 -15.60 -15.24 0.13
CA PRO B 123 -15.09 -16.36 0.92
C PRO B 123 -15.15 -16.07 2.41
N PHE B 124 -15.34 -17.11 3.20
CA PHE B 124 -15.37 -16.97 4.65
C PHE B 124 -15.10 -18.30 5.35
N THR B 125 -16.04 -19.24 5.25
CA THR B 125 -15.93 -20.51 5.98
C THR B 125 -14.71 -21.33 5.55
N GLU B 126 -14.33 -21.22 4.28
CA GLU B 126 -13.17 -21.95 3.75
C GLU B 126 -11.89 -21.11 3.67
N SER B 127 -11.94 -19.86 4.11
CA SER B 127 -10.77 -18.98 4.10
C SER B 127 -9.79 -19.33 5.22
N TRP B 128 -8.52 -18.98 5.00
CA TRP B 128 -7.45 -19.18 5.98
C TRP B 128 -7.38 -20.65 6.38
N ASN B 129 -7.27 -21.50 5.38
CA ASN B 129 -7.24 -22.95 5.57
C ASN B 129 -6.18 -23.57 4.66
N GLY B 130 -5.15 -24.16 5.27
CA GLY B 130 -4.06 -24.79 4.54
C GLY B 130 -4.47 -25.95 3.65
N THR B 131 -5.54 -26.66 4.02
CA THR B 131 -6.03 -27.80 3.26
C THR B 131 -6.87 -27.41 2.03
N ILE B 132 -7.24 -26.13 1.92
CA ILE B 132 -8.08 -25.66 0.82
C ILE B 132 -7.35 -24.63 -0.04
N LYS B 133 -6.95 -25.05 -1.24
CA LYS B 133 -6.23 -24.19 -2.18
C LYS B 133 -7.09 -22.99 -2.56
N TYR B 134 -8.30 -23.28 -3.04
CA TYR B 134 -9.18 -22.28 -3.64
C TYR B 134 -10.53 -22.23 -2.92
N PRO B 135 -10.69 -21.30 -1.96
CA PRO B 135 -11.90 -21.30 -1.14
C PRO B 135 -13.16 -20.83 -1.89
N LYS B 136 -14.28 -21.48 -1.58
CA LYS B 136 -15.55 -21.15 -2.22
C LYS B 136 -16.07 -19.80 -1.71
N PHE B 137 -16.95 -19.19 -2.48
CA PHE B 137 -17.59 -17.95 -2.08
C PHE B 137 -18.87 -18.30 -1.32
N ASP B 138 -19.00 -17.75 -0.11
CA ASP B 138 -20.21 -17.94 0.70
C ASP B 138 -21.19 -16.85 0.35
N SER B 139 -22.47 -17.09 0.61
CA SER B 139 -23.49 -16.08 0.39
C SER B 139 -23.38 -15.03 1.47
N GLN B 140 -23.79 -13.81 1.13
CA GLN B 140 -23.80 -12.74 2.10
C GLN B 140 -24.57 -13.15 3.35
N GLU B 141 -25.69 -13.84 3.16
CA GLU B 141 -26.50 -14.31 4.29
C GLU B 141 -25.66 -15.18 5.23
N SER B 142 -24.90 -16.12 4.66
CA SER B 142 -24.02 -16.96 5.47
C SER B 142 -23.01 -16.11 6.22
N VAL B 143 -22.40 -15.15 5.52
CA VAL B 143 -21.34 -14.35 6.10
C VAL B 143 -21.88 -13.50 7.25
N LEU B 144 -23.03 -12.87 7.06
CA LEU B 144 -23.59 -12.01 8.09
C LEU B 144 -24.01 -12.80 9.33
N ASN B 145 -24.57 -13.99 9.13
CA ASN B 145 -24.83 -14.89 10.25
C ASN B 145 -23.53 -15.40 10.89
N GLY B 146 -22.49 -15.53 10.06
CA GLY B 146 -21.14 -15.84 10.55
C GLY B 146 -20.56 -14.73 11.41
N VAL B 147 -20.87 -13.49 11.05
CA VAL B 147 -20.50 -12.32 11.84
C VAL B 147 -21.16 -12.36 13.21
N LEU B 148 -22.46 -12.66 13.23
CA LEU B 148 -23.20 -12.79 14.48
C LEU B 148 -22.64 -13.91 15.36
N SER B 149 -22.31 -15.04 14.74
CA SER B 149 -21.72 -16.17 15.45
C SER B 149 -20.40 -15.81 16.10
N LEU B 150 -19.51 -15.16 15.34
CA LEU B 150 -18.23 -14.73 15.88
C LEU B 150 -18.41 -13.84 17.10
N LEU B 151 -19.34 -12.89 17.01
CA LEU B 151 -19.61 -11.98 18.11
C LEU B 151 -20.15 -12.72 19.33
N ASP B 152 -21.07 -13.66 19.11
CA ASP B 152 -21.57 -14.51 20.20
C ASP B 152 -20.49 -15.41 20.77
N GLU B 153 -19.62 -15.95 19.92
CA GLU B 153 -18.48 -16.74 20.38
C GLU B 153 -17.58 -15.89 21.27
N ALA B 154 -17.37 -14.64 20.87
CA ALA B 154 -16.55 -13.70 21.63
C ALA B 154 -17.16 -13.42 23.00
N LEU B 155 -18.46 -13.11 23.02
CA LEU B 155 -19.18 -12.86 24.28
C LEU B 155 -19.15 -14.07 25.22
N GLN B 156 -19.15 -15.27 24.65
CA GLN B 156 -19.14 -16.50 25.42
C GLN B 156 -17.75 -16.83 26.03
N ILE B 157 -16.70 -16.72 25.23
CA ILE B 157 -15.36 -17.11 25.67
C ILE B 157 -14.69 -16.05 26.56
N MSE B 158 -15.10 -14.81 26.40
CA MSE B 158 -14.64 -13.69 27.23
C MSE B 158 -14.82 -13.92 28.71
O MSE B 158 -15.81 -14.51 29.14
CB MSE B 158 -15.48 -12.52 26.75
CG MSE B 158 -15.29 -11.21 27.48
SE MSE B 158 -16.65 -10.01 26.73
CE MSE B 158 -16.08 -9.81 24.85
N ASP B 159 -13.87 -13.45 29.51
CA ASP B 159 -13.85 -13.66 30.95
C ASP B 159 -13.48 -12.36 31.67
N LEU B 160 -14.45 -11.72 32.30
CA LEU B 160 -14.26 -10.41 32.90
C LEU B 160 -13.48 -10.45 34.22
N ASN B 161 -13.28 -11.63 34.77
CA ASN B 161 -12.52 -11.80 36.01
C ASN B 161 -11.07 -12.21 35.75
N ASP B 162 -10.70 -12.30 34.47
CA ASP B 162 -9.34 -12.64 34.08
C ASP B 162 -8.65 -11.36 33.60
N ALA B 163 -7.63 -10.92 34.32
CA ALA B 163 -6.86 -9.72 33.96
C ALA B 163 -6.09 -9.92 32.65
N ASN B 164 -5.79 -11.17 32.32
CA ASN B 164 -5.07 -11.52 31.10
C ASN B 164 -5.91 -11.22 29.85
N ALA B 165 -5.33 -10.39 28.97
CA ALA B 165 -5.94 -10.01 27.70
C ALA B 165 -4.91 -9.29 26.84
N ILE B 166 -5.32 -8.86 25.66
CA ILE B 166 -4.51 -7.92 24.89
C ILE B 166 -4.79 -6.56 25.52
N ASP B 167 -3.78 -5.99 26.17
CA ASP B 167 -3.95 -4.72 26.90
C ASP B 167 -3.05 -3.62 26.35
N GLU B 168 -1.73 -3.78 26.46
CA GLU B 168 -0.82 -2.73 26.00
C GLU B 168 -0.94 -2.59 24.47
N TYR B 169 -1.21 -3.70 23.78
CA TYR B 169 -1.40 -3.68 22.32
C TYR B 169 -2.87 -3.52 21.88
N ASP B 170 -3.77 -3.17 22.81
CA ASP B 170 -5.15 -2.87 22.47
C ASP B 170 -5.30 -1.36 22.46
N ILE B 171 -5.17 -0.77 21.28
CA ILE B 171 -5.25 0.68 21.14
C ILE B 171 -6.69 1.22 21.31
N TYR B 172 -7.68 0.35 21.19
CA TYR B 172 -9.08 0.76 21.31
C TYR B 172 -9.51 0.97 22.75
N TYR B 173 -9.32 -0.06 23.57
CA TYR B 173 -9.85 -0.08 24.95
C TYR B 173 -8.85 -0.50 26.03
N LYS B 174 -7.57 -0.67 25.67
CA LYS B 174 -6.51 -1.01 26.63
C LYS B 174 -6.81 -2.27 27.47
N GLY B 175 -7.51 -3.23 26.89
CA GLY B 175 -7.81 -4.48 27.57
C GLY B 175 -9.03 -4.48 28.49
N ASP B 176 -9.78 -3.39 28.48
CA ASP B 176 -11.01 -3.32 29.30
C ASP B 176 -12.10 -4.16 28.64
N MSE B 177 -12.31 -5.37 29.16
CA MSE B 177 -13.21 -6.32 28.53
C MSE B 177 -14.67 -5.94 28.69
O MSE B 177 -15.52 -6.49 27.98
CB MSE B 177 -12.96 -7.74 29.04
CG MSE B 177 -11.54 -8.21 28.75
SE MSE B 177 -11.06 -8.06 26.85
CE MSE B 177 -12.40 -9.27 26.09
N ASN B 178 -14.97 -5.03 29.61
CA ASN B 178 -16.34 -4.49 29.72
C ASN B 178 -16.70 -3.66 28.49
N LYS B 179 -15.72 -2.97 27.93
CA LYS B 179 -15.93 -2.18 26.73
C LYS B 179 -16.05 -3.08 25.51
N TRP B 180 -15.29 -4.16 25.48
CA TRP B 180 -15.39 -5.13 24.38
C TRP B 180 -16.72 -5.86 24.43
N MSE B 181 -17.20 -6.15 25.63
CA MSE B 181 -18.53 -6.76 25.81
C MSE B 181 -19.61 -5.84 25.30
O MSE B 181 -20.48 -6.25 24.52
CB MSE B 181 -18.80 -7.05 27.28
CG MSE B 181 -20.26 -7.44 27.50
SE MSE B 181 -20.50 -8.16 29.30
CE MSE B 181 -20.10 -10.03 28.86
N THR B 182 -19.56 -4.59 25.73
CA THR B 182 -20.51 -3.56 25.31
C THR B 182 -20.50 -3.38 23.79
N LEU B 183 -19.32 -3.44 23.19
CA LEU B 183 -19.16 -3.27 21.76
C LEU B 183 -19.73 -4.46 21.00
N ALA B 184 -19.38 -5.67 21.43
CA ALA B 184 -19.80 -6.88 20.75
C ALA B 184 -21.32 -6.96 20.62
N LYS B 185 -22.02 -6.61 21.70
CA LYS B 185 -23.47 -6.56 21.68
C LYS B 185 -23.98 -5.52 20.68
N SER B 186 -23.32 -4.36 20.66
CA SER B 186 -23.71 -3.27 19.77
C SER B 186 -23.49 -3.63 18.30
N LEU B 187 -22.39 -4.32 18.01
CA LEU B 187 -22.13 -4.75 16.63
C LEU B 187 -23.16 -5.82 16.19
N LYS B 188 -23.56 -6.69 17.12
CA LYS B 188 -24.66 -7.62 16.87
C LYS B 188 -25.90 -6.84 16.42
N PHE B 189 -26.28 -5.86 17.24
CA PHE B 189 -27.47 -5.07 17.00
C PHE B 189 -27.43 -4.41 15.63
N ARG B 190 -26.31 -3.73 15.35
CA ARG B 190 -26.12 -3.07 14.07
C ARG B 190 -26.25 -4.05 12.90
N THR B 191 -25.61 -5.20 13.03
CA THR B 191 -25.65 -6.21 11.98
C THR B 191 -27.08 -6.73 11.78
N LEU B 192 -27.81 -6.91 12.87
CA LEU B 192 -29.19 -7.36 12.78
C LEU B 192 -30.05 -6.31 12.08
N MSE B 193 -29.81 -5.03 12.36
CA MSE B 193 -30.53 -3.94 11.68
C MSE B 193 -30.27 -3.97 10.18
O MSE B 193 -31.16 -3.61 9.39
CB MSE B 193 -30.12 -2.58 12.25
CG MSE B 193 -30.61 -2.37 13.68
SE MSE B 193 -32.55 -2.19 13.74
CE MSE B 193 -32.71 -0.39 12.98
N VAL B 194 -29.06 -4.38 9.78
CA VAL B 194 -28.71 -4.49 8.36
C VAL B 194 -29.48 -5.62 7.68
N MSE B 195 -29.72 -6.70 8.42
CA MSE B 195 -30.35 -7.90 7.88
C MSE B 195 -31.86 -7.92 7.92
O MSE B 195 -32.48 -8.72 7.23
CB MSE B 195 -29.88 -9.11 8.68
CG MSE B 195 -28.37 -9.34 8.55
SE MSE B 195 -27.80 -10.67 9.87
CE MSE B 195 -28.33 -12.25 8.85
N VAL B 196 -32.46 -7.05 8.72
CA VAL B 196 -33.88 -7.20 9.07
C VAL B 196 -34.86 -6.84 7.95
N ASP B 197 -34.41 -6.10 6.94
CA ASP B 197 -35.25 -5.79 5.80
C ASP B 197 -35.44 -7.05 4.96
N LYS B 198 -34.33 -7.73 4.68
CA LYS B 198 -34.35 -8.95 3.89
C LYS B 198 -34.77 -10.18 4.70
N ASP B 199 -34.44 -10.21 5.99
CA ASP B 199 -34.82 -11.30 6.89
C ASP B 199 -35.59 -10.74 8.10
N PRO B 200 -36.91 -10.53 7.94
CA PRO B 200 -37.69 -9.90 9.02
C PRO B 200 -37.71 -10.67 10.33
N SER B 201 -37.39 -11.97 10.29
CA SER B 201 -37.36 -12.78 11.51
C SER B 201 -36.28 -12.35 12.52
N LYS B 202 -35.34 -11.51 12.08
CA LYS B 202 -34.32 -10.96 12.98
C LYS B 202 -34.88 -9.95 13.97
N ALA B 203 -36.09 -9.46 13.72
CA ALA B 203 -36.74 -8.51 14.63
C ALA B 203 -36.71 -8.99 16.07
N THR B 204 -36.90 -10.30 16.29
CA THR B 204 -36.94 -10.86 17.63
C THR B 204 -35.61 -10.70 18.37
N ALA B 205 -34.51 -11.06 17.69
CA ALA B 205 -33.18 -10.94 18.28
C ALA B 205 -32.84 -9.48 18.59
N ILE B 206 -33.26 -8.57 17.71
CA ILE B 206 -33.12 -7.13 17.93
C ILE B 206 -33.84 -6.71 19.22
N GLY B 207 -35.09 -7.15 19.36
CA GLY B 207 -35.88 -6.85 20.56
C GLY B 207 -35.19 -7.31 21.82
N THR B 208 -34.65 -8.53 21.79
CA THR B 208 -33.95 -9.10 22.94
C THR B 208 -32.75 -8.24 23.38
N LEU B 209 -31.97 -7.76 22.43
CA LEU B 209 -30.83 -6.89 22.73
C LEU B 209 -31.26 -5.53 23.29
N LEU B 210 -32.34 -4.98 22.74
CA LEU B 210 -32.90 -3.73 23.25
C LEU B 210 -33.41 -3.85 24.68
N GLN B 211 -34.07 -4.97 25.00
CA GLN B 211 -34.52 -5.24 26.36
C GLN B 211 -33.34 -5.32 27.34
N ALA B 212 -32.25 -5.95 26.90
CA ALA B 212 -31.10 -6.20 27.77
C ALA B 212 -30.31 -4.94 28.06
N GLY B 213 -30.14 -4.09 27.05
CA GLY B 213 -29.30 -2.90 27.18
C GLY B 213 -27.83 -3.28 27.27
N GLY B 214 -27.04 -2.43 27.92
CA GLY B 214 -25.60 -2.65 28.04
C GLY B 214 -24.88 -2.54 26.71
N MSE B 215 -25.37 -1.65 25.84
CA MSE B 215 -24.78 -1.41 24.53
C MSE B 215 -24.20 -0.02 24.52
O MSE B 215 -24.45 0.78 25.43
CB MSE B 215 -25.85 -1.59 23.43
CG MSE B 215 -26.23 -3.06 23.28
SE MSE B 215 -27.37 -3.39 21.71
CE MSE B 215 -28.99 -2.46 22.36
N VAL B 216 -23.42 0.27 23.50
CA VAL B 216 -22.69 1.54 23.38
C VAL B 216 -23.65 2.72 23.57
N SER B 217 -23.34 3.63 24.49
CA SER B 217 -24.26 4.72 24.83
C SER B 217 -23.64 6.10 25.09
N SER B 218 -22.34 6.15 25.37
CA SER B 218 -21.64 7.43 25.48
C SER B 218 -20.30 7.37 24.74
N ALA B 219 -19.65 8.53 24.61
CA ALA B 219 -18.47 8.64 23.76
C ALA B 219 -17.31 7.74 24.21
N SER B 220 -17.18 7.51 25.52
CA SER B 220 -16.13 6.64 26.05
C SER B 220 -16.28 5.18 25.56
N ASP B 221 -17.48 4.81 25.12
CA ASP B 221 -17.71 3.46 24.60
C ASP B 221 -17.33 3.30 23.13
N ASN B 222 -17.07 4.41 22.44
CA ASN B 222 -16.81 4.38 21.00
C ASN B 222 -15.65 3.47 20.64
N LEU B 223 -15.78 2.76 19.52
CA LEU B 223 -14.66 2.06 18.91
C LEU B 223 -14.03 3.06 17.96
N VAL B 224 -12.84 3.52 18.31
CA VAL B 224 -12.18 4.58 17.57
C VAL B 224 -10.68 4.33 17.56
N PHE B 225 -10.06 4.46 16.39
CA PHE B 225 -8.60 4.36 16.28
C PHE B 225 -8.03 5.76 16.45
N PRO B 226 -7.18 5.95 17.46
CA PRO B 226 -6.68 7.29 17.76
C PRO B 226 -5.36 7.59 17.05
N TYR B 227 -5.44 8.29 15.92
CA TYR B 227 -4.26 8.86 15.30
C TYR B 227 -3.74 9.98 16.21
N SER B 228 -2.47 10.31 16.06
CA SER B 228 -1.86 11.35 16.87
C SER B 228 -0.96 12.21 16.01
N ALA B 229 -0.36 13.23 16.64
CA ALA B 229 0.58 14.12 15.96
C ALA B 229 1.97 13.48 15.81
N GLU B 230 2.24 12.45 16.61
CA GLU B 230 3.47 11.67 16.50
C GLU B 230 3.70 11.20 15.05
N PRO B 231 4.87 11.54 14.46
CA PRO B 231 5.17 10.99 13.14
C PRO B 231 5.18 9.47 13.22
N GLY B 232 4.54 8.81 12.26
CA GLY B 232 4.41 7.35 12.31
C GLY B 232 3.02 6.91 12.74
N ASN B 233 2.25 7.81 13.34
CA ASN B 233 0.86 7.52 13.67
C ASN B 233 -0.08 8.66 13.27
N GLN B 234 0.21 9.31 12.15
CA GLN B 234 -0.63 10.39 11.64
C GLN B 234 -1.69 9.84 10.72
N ASN B 235 -2.86 10.47 10.74
CA ASN B 235 -3.98 10.06 9.90
C ASN B 235 -3.61 10.28 8.44
N PRO B 236 -3.69 9.23 7.60
CA PRO B 236 -3.42 9.32 6.16
C PRO B 236 -4.11 10.47 5.44
N LYS B 237 -5.29 10.87 5.90
CA LYS B 237 -6.01 12.01 5.33
C LYS B 237 -5.20 13.31 5.39
N TYR B 238 -4.38 13.48 6.42
CA TYR B 238 -3.52 14.65 6.52
C TYR B 238 -2.48 14.67 5.40
N GLU B 239 -1.82 13.54 5.20
CA GLU B 239 -0.82 13.40 4.14
C GLU B 239 -1.40 13.71 2.77
N LEU B 240 -2.62 13.23 2.55
CA LEU B 240 -3.34 13.47 1.31
C LEU B 240 -3.42 14.96 0.96
N ILE B 241 -3.76 15.79 1.96
CA ILE B 241 -3.86 17.23 1.78
C ILE B 241 -2.49 17.91 1.77
N GLU B 242 -1.53 17.41 2.54
CA GLU B 242 -0.18 17.95 2.51
C GLU B 242 0.46 17.81 1.13
N LEU B 243 0.19 16.71 0.45
CA LEU B 243 0.75 16.46 -0.87
C LEU B 243 0.27 17.46 -1.92
N VAL B 244 -0.87 18.11 -1.68
CA VAL B 244 -1.38 19.15 -2.59
C VAL B 244 -1.26 20.57 -2.02
N GLY B 245 -0.35 20.75 -1.06
CA GLY B 245 0.00 22.07 -0.54
C GLY B 245 -0.54 22.43 0.83
N GLY B 246 -1.29 21.52 1.44
CA GLY B 246 -1.84 21.76 2.77
C GLY B 246 -3.15 22.54 2.77
N THR B 247 -3.65 22.90 1.59
CA THR B 247 -4.96 23.54 1.46
C THR B 247 -5.97 22.52 0.94
N GLN B 248 -7.10 22.45 1.62
CA GLN B 248 -8.10 21.41 1.36
C GLN B 248 -8.98 21.81 0.18
N ILE B 249 -8.61 21.35 -1.00
CA ILE B 249 -9.28 21.68 -2.26
C ILE B 249 -9.62 20.42 -3.07
N LEU B 250 -9.74 19.28 -2.38
CA LEU B 250 -10.03 18.01 -3.03
C LEU B 250 -11.40 17.44 -2.68
N PHE B 251 -11.95 17.84 -1.54
CA PHE B 251 -13.21 17.30 -1.03
C PHE B 251 -14.21 18.42 -0.76
N PHE B 252 -15.34 18.40 -1.44
CA PHE B 252 -16.27 19.53 -1.42
C PHE B 252 -17.64 19.17 -0.85
N ALA B 253 -18.31 20.19 -0.32
CA ALA B 253 -19.65 20.02 0.22
C ALA B 253 -20.64 19.59 -0.87
N SER B 254 -21.24 18.43 -0.66
CA SER B 254 -22.26 17.89 -1.56
C SER B 254 -23.61 18.52 -1.20
N ASN B 255 -24.35 18.95 -2.21
CA ASN B 255 -25.71 19.48 -1.99
C ASN B 255 -26.66 18.45 -1.34
N TYR B 256 -26.43 17.17 -1.59
CA TYR B 256 -27.22 16.12 -0.95
C TYR B 256 -27.02 16.12 0.58
N MSE B 257 -25.90 16.67 1.05
CA MSE B 257 -25.56 16.73 2.47
C MSE B 257 -25.87 18.08 3.05
O MSE B 257 -26.50 18.17 4.11
CB MSE B 257 -24.06 16.45 2.61
CG MSE B 257 -23.51 16.55 4.04
SE MSE B 257 -24.33 15.22 5.23
CE MSE B 257 -23.94 13.61 4.18
N LEU B 258 -25.43 19.13 2.37
CA LEU B 258 -25.54 20.50 2.91
C LEU B 258 -26.97 21.03 2.93
N LYS B 259 -27.74 20.80 1.86
CA LYS B 259 -29.07 21.37 1.78
C LYS B 259 -30.01 20.88 2.89
N PRO B 260 -30.06 19.55 3.15
CA PRO B 260 -30.87 19.09 4.29
C PRO B 260 -30.43 19.68 5.62
N MSE B 261 -29.14 19.89 5.80
CA MSE B 261 -28.58 20.49 7.01
C MSE B 261 -29.02 21.93 7.12
O MSE B 261 -29.41 22.38 8.20
CB MSE B 261 -27.05 20.37 7.04
CG MSE B 261 -26.62 18.92 7.22
SE MSE B 261 -24.68 18.79 7.05
CE MSE B 261 -24.27 19.17 8.91
N GLN B 262 -29.01 22.64 6.00
CA GLN B 262 -29.43 24.04 5.99
C GLN B 262 -30.92 24.23 6.25
N GLU B 263 -31.76 23.36 5.69
CA GLU B 263 -33.20 23.47 5.93
C GLU B 263 -33.54 23.15 7.40
N ARG B 264 -32.67 22.43 8.09
CA ARG B 264 -32.87 22.12 9.50
C ARG B 264 -32.07 23.04 10.44
N ASN B 265 -31.29 23.96 9.88
CA ASN B 265 -30.40 24.87 10.64
C ASN B 265 -29.42 24.11 11.53
N ASP B 266 -28.76 23.12 10.92
CA ASP B 266 -27.91 22.19 11.64
C ASP B 266 -26.59 22.85 12.04
N PRO B 267 -26.29 22.87 13.36
CA PRO B 267 -25.08 23.54 13.84
C PRO B 267 -23.78 22.77 13.57
N ARG B 268 -23.86 21.62 12.92
CA ARG B 268 -22.68 20.91 12.46
C ARG B 268 -22.09 21.49 11.18
N ILE B 269 -22.84 22.33 10.46
CA ILE B 269 -22.38 22.88 9.18
C ILE B 269 -20.97 23.50 9.27
N PRO B 270 -20.72 24.38 10.27
CA PRO B 270 -19.37 24.91 10.44
C PRO B 270 -18.30 23.88 10.85
N CYS B 271 -18.72 22.74 11.40
CA CYS B 271 -17.77 21.67 11.75
C CYS B 271 -17.46 20.77 10.56
N TYR B 272 -18.46 20.54 9.70
CA TYR B 272 -18.32 19.71 8.51
C TYR B 272 -17.64 20.46 7.37
N PHE B 273 -17.93 21.75 7.26
CA PHE B 273 -17.49 22.53 6.12
C PHE B 273 -16.80 23.84 6.49
N GLU B 274 -16.02 24.35 5.55
CA GLU B 274 -15.58 25.74 5.59
C GLU B 274 -16.52 26.55 4.72
N PRO B 275 -16.83 27.79 5.13
CA PRO B 275 -17.65 28.64 4.27
C PRO B 275 -16.86 29.12 3.07
N GLY B 276 -17.58 29.61 2.08
CA GLY B 276 -16.96 30.34 0.99
C GLY B 276 -16.31 31.61 1.51
N ALA B 277 -15.59 32.30 0.64
CA ALA B 277 -14.84 33.48 1.04
C ALA B 277 -15.73 34.60 1.56
N ASP B 278 -16.99 34.64 1.12
CA ASP B 278 -17.94 35.66 1.57
C ASP B 278 -18.61 35.32 2.90
N GLY B 279 -18.29 34.18 3.49
CA GLY B 279 -18.89 33.74 4.76
C GLY B 279 -20.14 32.90 4.60
N VAL B 280 -20.54 32.63 3.35
CA VAL B 280 -21.73 31.85 3.05
C VAL B 280 -21.36 30.39 2.79
N TYR B 281 -22.12 29.47 3.38
CA TYR B 281 -21.95 28.04 3.09
C TYR B 281 -22.78 27.68 1.86
N ARG B 282 -22.13 27.12 0.85
CA ARG B 282 -22.82 26.74 -0.36
C ARG B 282 -22.17 25.46 -0.93
N GLY B 283 -22.99 24.59 -1.49
CA GLY B 283 -22.54 23.28 -1.95
C GLY B 283 -22.50 23.13 -3.47
N LEU B 284 -22.32 21.88 -3.91
CA LEU B 284 -22.16 21.57 -5.31
C LEU B 284 -22.79 20.23 -5.61
N GLY B 285 -23.20 20.05 -6.86
CA GLY B 285 -23.66 18.76 -7.33
C GLY B 285 -22.48 17.89 -7.69
N ASN B 286 -22.75 16.63 -7.98
CA ASN B 286 -21.74 15.71 -8.46
C ASN B 286 -21.02 16.30 -9.65
N ARG B 287 -19.69 16.39 -9.55
CA ARG B 287 -18.83 16.90 -10.65
C ARG B 287 -19.06 18.36 -11.06
N GLU B 288 -19.90 19.10 -10.33
CA GLU B 288 -20.13 20.51 -10.62
C GLU B 288 -18.84 21.29 -10.30
N PRO B 289 -18.40 22.16 -11.23
CA PRO B 289 -17.16 22.90 -10.98
C PRO B 289 -17.25 23.83 -9.78
N ALA B 290 -16.22 23.82 -8.94
CA ALA B 290 -16.15 24.70 -7.79
C ALA B 290 -16.14 26.16 -8.23
N VAL B 291 -16.87 26.99 -7.49
CA VAL B 291 -17.04 28.39 -7.85
C VAL B 291 -15.97 29.24 -7.18
N THR B 292 -15.30 30.07 -7.98
CA THR B 292 -14.35 31.07 -7.48
C THR B 292 -14.74 32.44 -8.00
N ASP B 293 -14.34 33.50 -7.29
CA ASP B 293 -14.50 34.86 -7.79
C ASP B 293 -13.36 35.21 -8.77
N ASP B 294 -13.37 36.44 -9.27
CA ASP B 294 -12.33 36.91 -10.19
C ASP B 294 -10.94 36.97 -9.52
N LYS B 295 -10.90 37.11 -8.20
CA LYS B 295 -9.66 37.13 -7.43
C LYS B 295 -9.15 35.73 -7.06
N ASP B 296 -9.86 34.70 -7.55
CA ASP B 296 -9.46 33.30 -7.33
C ASP B 296 -9.62 32.83 -5.87
N ASN B 297 -10.58 33.43 -5.17
CA ASN B 297 -10.95 32.98 -3.84
C ASN B 297 -12.04 31.93 -3.94
N MSE B 298 -12.00 30.94 -3.05
CA MSE B 298 -12.93 29.81 -3.09
C MSE B 298 -14.25 30.26 -2.52
O MSE B 298 -14.32 30.66 -1.35
CB MSE B 298 -12.29 28.64 -2.34
CG MSE B 298 -13.16 27.39 -2.28
SE MSE B 298 -13.64 26.77 -4.09
CE MSE B 298 -11.90 26.01 -4.55
N LEU B 299 -15.31 30.20 -3.33
CA LEU B 299 -16.67 30.55 -2.89
C LEU B 299 -17.50 29.31 -2.50
N SER B 300 -17.22 28.17 -3.13
CA SER B 300 -17.85 26.91 -2.74
C SER B 300 -17.33 26.46 -1.38
N SER B 301 -18.15 25.70 -0.65
CA SER B 301 -17.71 25.16 0.63
C SER B 301 -16.93 23.88 0.41
N VAL B 302 -15.75 23.81 1.03
CA VAL B 302 -14.96 22.58 1.06
C VAL B 302 -15.23 21.87 2.37
N VAL B 303 -14.95 20.57 2.41
CA VAL B 303 -15.06 19.80 3.63
C VAL B 303 -14.01 20.37 4.58
N SER B 304 -14.38 20.51 5.85
CA SER B 304 -13.52 21.17 6.83
C SER B 304 -12.12 20.57 6.89
N SER B 305 -11.11 21.44 6.87
CA SER B 305 -9.72 20.99 6.91
C SER B 305 -9.41 20.35 8.28
N TYR B 306 -10.16 20.75 9.30
CA TYR B 306 -10.06 20.15 10.64
C TYR B 306 -10.24 18.63 10.61
N LEU B 307 -11.11 18.15 9.71
CA LEU B 307 -11.35 16.71 9.56
C LEU B 307 -10.21 15.97 8.88
N PHE B 308 -9.26 16.73 8.31
CA PHE B 308 -8.09 16.14 7.65
C PHE B 308 -6.81 16.42 8.45
N ARG B 309 -6.95 16.77 9.72
CA ARG B 309 -5.78 17.04 10.56
C ARG B 309 -5.06 15.75 10.95
N LYS B 310 -3.81 15.89 11.36
CA LYS B 310 -2.91 14.76 11.58
C LYS B 310 -3.46 13.80 12.62
N ASP B 311 -4.12 14.34 13.65
CA ASP B 311 -4.62 13.52 14.76
C ASP B 311 -6.13 13.32 14.70
N ALA B 312 -6.71 13.44 13.52
CA ALA B 312 -8.13 13.19 13.36
C ALA B 312 -8.37 11.71 13.66
N PRO B 313 -9.32 11.41 14.56
CA PRO B 313 -9.57 10.03 14.93
C PRO B 313 -10.35 9.33 13.83
N GLU B 314 -10.19 8.01 13.73
CA GLU B 314 -10.97 7.19 12.82
C GLU B 314 -12.04 6.45 13.61
N LEU B 315 -13.26 6.93 13.47
CA LEU B 315 -14.40 6.42 14.22
C LEU B 315 -14.97 5.20 13.50
N ILE B 316 -14.97 4.06 14.18
CA ILE B 316 -15.37 2.78 13.57
C ILE B 316 -16.78 2.35 14.01
N TYR B 317 -17.09 2.56 15.29
CA TYR B 317 -18.45 2.45 15.78
C TYR B 317 -18.72 3.48 16.88
N SER B 318 -19.78 4.26 16.71
CA SER B 318 -20.05 5.41 17.59
C SER B 318 -21.36 5.27 18.36
N CYS B 319 -21.50 6.03 19.43
CA CYS B 319 -22.73 6.00 20.23
C CYS B 319 -23.89 6.69 19.50
N GLN B 320 -23.60 7.70 18.69
CA GLN B 320 -24.62 8.33 17.83
C GLN B 320 -25.23 7.28 16.94
N GLU B 321 -24.36 6.54 16.28
CA GLU B 321 -24.73 5.53 15.32
C GLU B 321 -25.66 4.54 16.01
N GLN B 322 -25.25 4.09 17.19
CA GLN B 322 -26.03 3.16 17.99
C GLN B 322 -27.36 3.76 18.40
N LEU B 323 -27.34 4.99 18.91
CA LEU B 323 -28.52 5.62 19.47
C LEU B 323 -29.58 5.89 18.40
N LEU B 324 -29.17 6.30 17.21
CA LEU B 324 -30.11 6.54 16.12
C LEU B 324 -30.66 5.23 15.56
N LEU B 325 -29.89 4.14 15.62
CA LEU B 325 -30.39 2.84 15.22
C LEU B 325 -31.41 2.32 16.24
N GLU B 326 -31.13 2.51 17.54
CA GLU B 326 -32.10 2.17 18.58
C GLU B 326 -33.40 2.95 18.36
N ALA B 327 -33.29 4.25 18.11
CA ALA B 327 -34.44 5.11 17.82
C ALA B 327 -35.25 4.57 16.65
N GLU B 328 -34.55 4.19 15.59
CA GLU B 328 -35.18 3.60 14.42
C GLU B 328 -35.93 2.31 14.75
N ALA B 329 -35.32 1.46 15.56
CA ALA B 329 -35.92 0.18 15.92
C ALA B 329 -37.24 0.37 16.65
N TYR B 330 -37.28 1.34 17.56
CA TYR B 330 -38.51 1.65 18.29
C TYR B 330 -39.55 2.31 17.39
N ALA B 331 -39.11 3.13 16.46
CA ALA B 331 -40.02 3.74 15.48
C ALA B 331 -40.68 2.70 14.58
N ARG B 332 -39.93 1.65 14.24
CA ARG B 332 -40.42 0.62 13.31
C ARG B 332 -41.05 -0.55 14.03
N GLY B 333 -40.86 -0.64 15.34
CA GLY B 333 -41.40 -1.73 16.14
C GLY B 333 -40.74 -3.06 15.80
N LEU B 334 -39.41 -3.06 15.83
CA LEU B 334 -38.64 -4.27 15.50
C LEU B 334 -38.39 -5.08 16.77
N GLY B 335 -39.27 -6.06 17.02
CA GLY B 335 -39.16 -6.93 18.20
C GLY B 335 -39.57 -6.25 19.48
N VAL B 336 -40.00 -5.00 19.38
CA VAL B 336 -40.54 -4.24 20.48
C VAL B 336 -41.79 -3.58 19.95
N ALA B 337 -42.68 -3.16 20.85
CA ALA B 337 -43.85 -2.43 20.44
C ALA B 337 -43.40 -1.08 19.84
N GLN B 338 -44.03 -0.70 18.73
CA GLN B 338 -43.77 0.59 18.13
C GLN B 338 -43.97 1.66 19.20
N ASN B 339 -43.02 2.59 19.28
CA ASN B 339 -42.99 3.57 20.36
C ASN B 339 -42.22 4.83 19.94
N LEU B 340 -42.95 5.83 19.45
CA LEU B 340 -42.33 7.07 19.00
C LEU B 340 -41.85 7.97 20.16
N SER B 341 -42.34 7.71 21.37
CA SER B 341 -41.89 8.43 22.56
C SER B 341 -40.45 8.05 22.87
N LYS B 342 -40.21 6.76 22.97
CA LYS B 342 -38.86 6.21 23.15
C LYS B 342 -37.95 6.60 21.99
N ALA B 343 -38.48 6.45 20.77
CA ALA B 343 -37.72 6.78 19.57
C ALA B 343 -37.26 8.23 19.62
N ASN B 344 -38.16 9.12 20.01
CA ASN B 344 -37.84 10.54 20.13
C ASN B 344 -36.75 10.80 21.15
N GLU B 345 -36.83 10.11 22.29
CA GLU B 345 -35.83 10.22 23.35
C GLU B 345 -34.43 9.85 22.85
N LEU B 346 -34.34 8.78 22.07
CA LEU B 346 -33.05 8.26 21.58
C LEU B 346 -32.51 9.07 20.41
N TYR B 347 -33.42 9.52 19.56
CA TYR B 347 -33.14 10.42 18.45
C TYR B 347 -32.49 11.71 18.98
N LYS B 348 -33.13 12.33 19.95
CA LYS B 348 -32.59 13.53 20.61
C LYS B 348 -31.22 13.28 21.21
N LYS B 349 -31.09 12.16 21.93
CA LYS B 349 -29.84 11.73 22.54
C LYS B 349 -28.72 11.50 21.52
N GLY B 350 -29.06 10.84 20.42
CA GLY B 350 -28.09 10.56 19.36
C GLY B 350 -27.60 11.81 18.66
N ILE B 351 -28.50 12.74 18.41
CA ILE B 351 -28.15 14.01 17.78
C ILE B 351 -27.24 14.82 18.70
N ARG B 352 -27.51 14.78 19.99
CA ARG B 352 -26.66 15.45 20.96
C ARG B 352 -25.24 14.89 20.94
N GLU B 353 -25.10 13.56 20.97
CA GLU B 353 -23.79 12.92 20.94
C GLU B 353 -23.08 13.18 19.62
N ALA B 354 -23.85 13.23 18.53
CA ALA B 354 -23.28 13.51 17.20
C ALA B 354 -22.67 14.89 17.18
N CYS B 355 -23.46 15.88 17.55
CA CYS B 355 -22.99 17.26 17.56
C CYS B 355 -21.82 17.42 18.52
N ALA B 356 -21.89 16.77 19.69
CA ALA B 356 -20.82 16.86 20.68
C ALA B 356 -19.52 16.29 20.11
N PHE B 357 -19.62 15.17 19.41
CA PHE B 357 -18.43 14.54 18.82
C PHE B 357 -17.69 15.52 17.91
N TYR B 358 -18.43 16.27 17.10
CA TYR B 358 -17.85 17.21 16.15
C TYR B 358 -17.59 18.61 16.73
N GLY B 359 -17.83 18.77 18.03
CA GLY B 359 -17.41 19.97 18.75
C GLY B 359 -18.38 21.13 18.74
N VAL B 360 -19.65 20.85 18.48
CA VAL B 360 -20.69 21.89 18.55
C VAL B 360 -20.84 22.30 20.02
N ALA B 361 -20.98 23.60 20.24
CA ALA B 361 -21.14 24.14 21.59
C ALA B 361 -22.48 23.67 22.20
N GLU B 362 -22.49 23.45 23.51
CA GLU B 362 -23.68 22.95 24.20
C GLU B 362 -24.94 23.76 23.89
N ALA B 363 -24.83 25.08 23.90
CA ALA B 363 -25.98 25.97 23.69
C ALA B 363 -26.56 25.80 22.29
N ASP B 364 -25.69 25.62 21.30
CA ASP B 364 -26.12 25.42 19.92
C ASP B 364 -26.75 24.04 19.70
N ILE B 365 -26.29 23.04 20.46
CA ILE B 365 -26.91 21.73 20.44
C ILE B 365 -28.33 21.84 20.99
N ASP B 366 -28.48 22.48 22.15
CA ASP B 366 -29.79 22.71 22.79
C ASP B 366 -30.77 23.36 21.80
N THR B 367 -30.36 24.50 21.23
CA THR B 367 -31.15 25.21 20.23
C THR B 367 -31.60 24.30 19.09
N TYR B 368 -30.69 23.49 18.57
CA TYR B 368 -30.99 22.63 17.43
C TYR B 368 -32.01 21.56 17.76
N VAL B 369 -31.74 20.84 18.84
CA VAL B 369 -32.58 19.75 19.29
C VAL B 369 -33.97 20.24 19.74
N THR B 370 -33.99 21.39 20.41
CA THR B 370 -35.24 22.09 20.76
C THR B 370 -36.10 22.41 19.53
N GLY B 371 -35.47 22.96 18.51
CA GLY B 371 -36.16 23.40 17.29
C GLY B 371 -36.63 22.27 16.39
N LEU B 372 -36.01 21.10 16.50
CA LEU B 372 -36.45 19.93 15.75
C LEU B 372 -37.81 19.44 16.28
N PRO B 373 -38.72 19.06 15.36
CA PRO B 373 -39.99 18.50 15.79
C PRO B 373 -39.81 17.24 16.65
N GLU B 374 -40.72 17.05 17.60
CA GLU B 374 -40.79 15.81 18.34
C GLU B 374 -41.27 14.72 17.38
N LEU B 375 -40.63 13.56 17.41
CA LEU B 375 -41.07 12.43 16.60
C LEU B 375 -42.51 12.05 16.96
N THR B 376 -42.81 12.20 18.25
CA THR B 376 -44.17 12.11 18.80
C THR B 376 -45.24 12.82 17.96
N ALA B 377 -44.91 14.01 17.45
CA ALA B 377 -45.85 14.85 16.72
C ALA B 377 -45.90 14.57 15.20
N LEU B 378 -45.21 13.52 14.74
CA LEU B 378 -45.17 13.19 13.31
C LEU B 378 -45.80 11.84 13.06
N THR B 379 -46.17 11.58 11.81
CA THR B 379 -46.58 10.23 11.38
C THR B 379 -45.37 9.32 11.53
N GLN B 380 -45.61 8.01 11.67
CA GLN B 380 -44.51 7.07 11.84
C GLN B 380 -43.58 7.13 10.61
N GLU B 381 -44.18 7.34 9.44
CA GLU B 381 -43.44 7.44 8.19
C GLU B 381 -42.51 8.67 8.17
N LYS B 382 -43.04 9.82 8.57
CA LYS B 382 -42.25 11.06 8.59
C LYS B 382 -41.19 11.02 9.69
N ALA B 383 -41.52 10.44 10.84
CA ALA B 383 -40.57 10.29 11.96
C ALA B 383 -39.38 9.42 11.56
N LEU B 384 -39.67 8.34 10.85
CA LEU B 384 -38.64 7.45 10.36
C LEU B 384 -37.75 8.12 9.33
N TYR B 385 -38.35 8.94 8.46
CA TYR B 385 -37.60 9.70 7.47
C TYR B 385 -36.61 10.65 8.14
N GLU B 386 -37.04 11.32 9.21
CA GLU B 386 -36.16 12.24 9.96
C GLU B 386 -35.03 11.52 10.70
N ILE B 387 -35.29 10.31 11.18
CA ILE B 387 -34.23 9.49 11.79
C ILE B 387 -33.21 9.13 10.72
N HIS B 388 -33.69 8.64 9.58
CA HIS B 388 -32.82 8.27 8.48
C HIS B 388 -31.97 9.45 8.00
N MSE B 389 -32.57 10.64 7.93
CA MSE B 389 -31.85 11.83 7.49
C MSE B 389 -30.76 12.20 8.46
O MSE B 389 -29.67 12.58 8.05
CB MSE B 389 -32.80 13.02 7.32
CG MSE B 389 -32.11 14.28 6.79
SE MSE B 389 -31.35 13.93 5.01
CE MSE B 389 -32.99 14.25 3.96
N GLN B 390 -31.05 12.09 9.75
CA GLN B 390 -30.04 12.34 10.79
C GLN B 390 -28.90 11.33 10.71
N GLN B 391 -29.21 10.10 10.33
CA GLN B 391 -28.18 9.08 10.17
C GLN B 391 -27.28 9.43 9.00
N TRP B 392 -27.89 9.86 7.89
CA TRP B 392 -27.16 10.30 6.71
C TRP B 392 -26.27 11.48 7.03
N ILE B 393 -26.79 12.45 7.80
CA ILE B 393 -26.00 13.61 8.21
C ILE B 393 -24.84 13.19 9.10
N ASP B 394 -25.08 12.25 10.01
CA ASP B 394 -24.04 11.82 10.94
C ASP B 394 -22.82 11.20 10.25
N LEU B 395 -23.01 10.59 9.09
CA LEU B 395 -21.96 9.75 8.51
C LEU B 395 -21.19 10.34 7.31
N MSE B 396 -21.25 11.66 7.11
CA MSE B 396 -20.54 12.30 5.99
C MSE B 396 -19.07 11.96 5.94
O MSE B 396 -18.55 11.63 4.89
CB MSE B 396 -20.68 13.82 6.05
CG MSE B 396 -20.24 14.44 4.71
SE MSE B 396 -19.59 16.27 4.98
CE MSE B 396 -17.94 15.92 5.99
N ASP B 397 -18.41 12.04 7.09
CA ASP B 397 -16.97 11.76 7.18
C ASP B 397 -16.67 10.28 7.46
N ARG B 398 -17.68 9.43 7.36
CA ARG B 398 -17.53 7.99 7.56
C ARG B 398 -18.18 7.28 6.36
N PRO B 399 -17.56 7.40 5.19
CA PRO B 399 -18.23 7.06 3.94
C PRO B 399 -18.59 5.59 3.79
N PHE B 400 -17.85 4.68 4.40
CA PHE B 400 -18.24 3.28 4.38
C PHE B 400 -19.60 3.07 5.07
N GLU B 401 -19.72 3.60 6.29
CA GLU B 401 -20.96 3.51 7.04
C GLU B 401 -22.08 4.26 6.32
N GLU B 402 -21.72 5.38 5.70
CA GLU B 402 -22.68 6.16 4.94
C GLU B 402 -23.30 5.36 3.81
N PHE B 403 -22.45 4.63 3.08
CA PHE B 403 -22.90 3.86 1.92
C PHE B 403 -23.80 2.70 2.37
N VAL B 404 -23.44 2.04 3.46
CA VAL B 404 -24.33 1.05 4.09
C VAL B 404 -25.65 1.71 4.49
N GLN B 405 -25.55 2.83 5.20
CA GLN B 405 -26.72 3.55 5.68
C GLN B 405 -27.67 3.94 4.54
N TRP B 406 -27.12 4.49 3.47
CA TRP B 406 -27.97 4.97 2.39
C TRP B 406 -28.75 3.82 1.77
N ARG B 407 -28.05 2.73 1.46
CA ARG B 407 -28.67 1.54 0.88
C ARG B 407 -29.72 0.92 1.82
N ARG B 408 -29.40 0.84 3.10
CA ARG B 408 -30.29 0.28 4.11
C ARG B 408 -31.53 1.15 4.37
N SER B 409 -31.38 2.47 4.19
CA SER B 409 -32.39 3.44 4.61
C SER B 409 -33.76 3.23 4.01
N GLY B 410 -33.82 2.65 2.83
CA GLY B 410 -35.11 2.48 2.15
C GLY B 410 -35.16 1.25 1.28
N THR B 411 -36.39 0.85 0.94
CA THR B 411 -36.61 -0.29 0.05
C THR B 411 -37.33 0.20 -1.22
N ALA B 412 -36.98 -0.41 -2.34
CA ALA B 412 -37.60 -0.11 -3.63
C ALA B 412 -37.51 1.38 -3.99
N GLY B 413 -36.29 1.91 -3.96
CA GLY B 413 -36.03 3.28 -4.41
C GLY B 413 -36.48 4.39 -3.47
N ASN B 414 -36.72 4.06 -2.19
CA ASN B 414 -37.14 5.05 -1.19
C ASN B 414 -36.01 5.41 -0.21
N GLU B 415 -34.77 5.31 -0.68
CA GLU B 415 -33.60 5.61 0.14
C GLU B 415 -33.58 7.09 0.52
N VAL B 416 -32.93 7.40 1.64
CA VAL B 416 -32.86 8.76 2.16
C VAL B 416 -31.42 9.25 2.18
N PRO B 417 -31.14 10.37 1.48
CA PRO B 417 -32.03 11.13 0.62
C PRO B 417 -32.06 10.54 -0.78
N THR B 418 -32.94 11.07 -1.62
CA THR B 418 -33.00 10.65 -3.01
C THR B 418 -31.80 11.21 -3.78
N LEU B 419 -31.09 10.32 -4.48
CA LEU B 419 -29.90 10.68 -5.25
C LEU B 419 -30.14 10.50 -6.75
N GLN B 420 -29.46 11.31 -7.55
CA GLN B 420 -29.43 11.14 -9.00
C GLN B 420 -28.15 10.42 -9.41
N VAL B 421 -28.24 9.64 -10.48
CA VAL B 421 -27.08 9.00 -11.08
C VAL B 421 -26.15 10.10 -11.61
N PRO B 422 -24.83 10.00 -11.35
CA PRO B 422 -23.87 10.93 -11.93
C PRO B 422 -23.96 10.97 -13.46
N GLU B 423 -23.98 12.17 -14.03
CA GLU B 423 -24.24 12.37 -15.45
C GLU B 423 -23.26 11.62 -16.34
N ASP B 424 -21.97 11.68 -15.99
CA ASP B 424 -20.92 11.12 -16.84
C ASP B 424 -20.56 9.67 -16.50
N ALA B 425 -21.40 9.01 -15.71
CA ALA B 425 -21.21 7.60 -15.40
C ALA B 425 -21.76 6.73 -16.53
N THR B 426 -21.12 5.59 -16.77
CA THR B 426 -21.61 4.60 -17.73
C THR B 426 -22.95 4.03 -17.25
N SER B 427 -22.96 3.61 -16.00
CA SER B 427 -24.15 3.05 -15.35
C SER B 427 -25.39 3.93 -15.52
N LYS B 428 -26.54 3.29 -15.72
CA LYS B 428 -27.82 3.99 -15.80
C LYS B 428 -28.46 4.06 -14.43
N GLU B 429 -27.89 3.35 -13.47
CA GLU B 429 -28.45 3.27 -12.12
C GLU B 429 -27.43 3.57 -11.01
N LEU B 430 -27.95 3.91 -9.83
CA LEU B 430 -27.13 4.26 -8.69
C LEU B 430 -26.27 3.10 -8.23
N ILE B 431 -25.08 3.41 -7.71
CA ILE B 431 -24.12 2.38 -7.28
C ILE B 431 -24.59 1.66 -6.02
N ARG B 432 -24.38 0.35 -6.01
CA ARG B 432 -24.87 -0.56 -4.97
C ARG B 432 -23.82 -1.50 -4.40
N ARG B 433 -22.68 -1.62 -5.08
CA ARG B 433 -21.65 -2.56 -4.68
C ARG B 433 -20.35 -2.26 -5.42
N TRP B 434 -19.31 -3.01 -5.09
CA TRP B 434 -18.04 -2.96 -5.81
C TRP B 434 -17.86 -4.22 -6.62
N GLU B 435 -17.11 -4.12 -7.72
CA GLU B 435 -16.69 -5.29 -8.48
C GLU B 435 -15.58 -6.01 -7.72
N TYR B 436 -15.45 -7.30 -7.98
CA TYR B 436 -14.42 -8.12 -7.32
C TYR B 436 -13.00 -7.73 -7.74
N SER B 437 -12.02 -8.02 -6.88
CA SER B 437 -10.61 -7.70 -7.14
C SER B 437 -10.02 -8.58 -8.25
N PRO B 438 -9.01 -8.06 -8.97
CA PRO B 438 -8.41 -8.82 -10.09
C PRO B 438 -7.70 -10.11 -9.67
N GLU B 439 -6.96 -10.08 -8.56
CA GLU B 439 -6.23 -11.28 -8.11
C GLU B 439 -7.18 -12.43 -7.75
N GLU B 440 -8.29 -12.12 -7.08
CA GLU B 440 -9.24 -13.16 -6.69
C GLU B 440 -9.95 -13.75 -7.91
N MSE B 441 -10.25 -12.92 -8.90
CA MSE B 441 -10.91 -13.39 -10.13
C MSE B 441 -9.99 -14.25 -10.97
O MSE B 441 -10.44 -15.22 -11.59
CB MSE B 441 -11.39 -12.20 -10.95
CG MSE B 441 -12.46 -11.40 -10.19
SE MSE B 441 -14.17 -12.37 -10.18
CE MSE B 441 -14.80 -11.63 -11.89
N THR B 442 -8.71 -13.90 -11.00
CA THR B 442 -7.71 -14.66 -11.73
C THR B 442 -7.35 -15.98 -11.02
N ALA B 443 -6.90 -15.87 -9.76
CA ALA B 443 -6.26 -16.98 -9.06
C ALA B 443 -7.22 -18.04 -8.50
N ASN B 444 -8.38 -17.59 -8.00
CA ASN B 444 -9.35 -18.51 -7.41
C ASN B 444 -10.25 -19.10 -8.50
N ILE B 445 -10.11 -20.41 -8.73
CA ILE B 445 -10.92 -21.12 -9.74
C ILE B 445 -12.38 -21.28 -9.32
N ASN B 446 -12.67 -21.09 -8.03
CA ASN B 446 -14.04 -21.14 -7.51
C ASN B 446 -14.68 -19.75 -7.40
N ALA B 447 -14.02 -18.72 -7.92
CA ALA B 447 -14.61 -17.40 -7.98
C ALA B 447 -15.56 -17.34 -9.17
N PRO B 448 -16.51 -16.41 -9.16
CA PRO B 448 -17.35 -16.20 -10.34
C PRO B 448 -16.51 -15.89 -11.58
N LYS B 449 -16.95 -16.38 -12.74
CA LYS B 449 -16.30 -16.06 -14.00
C LYS B 449 -16.45 -14.58 -14.33
N GLU B 450 -17.62 -14.04 -13.98
CA GLU B 450 -17.97 -12.64 -14.26
C GLU B 450 -18.26 -11.92 -12.94
N SER B 451 -17.85 -10.66 -12.83
CA SER B 451 -18.19 -9.85 -11.66
C SER B 451 -19.57 -9.23 -11.87
N PRO B 452 -20.42 -9.24 -10.82
CA PRO B 452 -21.67 -8.51 -10.95
C PRO B 452 -21.43 -7.02 -11.18
N LYS B 453 -22.37 -6.37 -11.86
CA LYS B 453 -22.24 -4.95 -12.14
C LYS B 453 -22.49 -4.12 -10.89
N ILE B 454 -21.88 -2.93 -10.85
CA ILE B 454 -21.88 -2.08 -9.65
C ILE B 454 -23.26 -1.60 -9.22
N TRP B 455 -24.25 -1.72 -10.09
CA TRP B 455 -25.63 -1.32 -9.76
C TRP B 455 -26.52 -2.50 -9.31
N GLU B 456 -25.96 -3.70 -9.23
CA GLU B 456 -26.71 -4.88 -8.80
C GLU B 456 -26.74 -4.96 -7.28
N LYS B 457 -27.92 -4.82 -6.71
CA LYS B 457 -28.10 -4.83 -5.26
C LYS B 457 -27.53 -6.08 -4.61
N LEU B 458 -26.98 -5.91 -3.42
CA LEU B 458 -26.57 -7.03 -2.57
C LEU B 458 -27.79 -7.59 -1.84
N TRP B 459 -27.58 -8.73 -1.19
CA TRP B 459 -28.66 -9.47 -0.54
C TRP B 459 -29.48 -8.63 0.44
N PHE B 460 -28.80 -7.92 1.34
CA PHE B 460 -29.46 -7.13 2.39
C PHE B 460 -30.27 -5.97 1.83
N ASP B 461 -29.94 -5.54 0.62
CA ASP B 461 -30.45 -4.32 0.03
C ASP B 461 -31.70 -4.59 -0.81
N LEU B 462 -32.83 -4.03 -0.38
CA LEU B 462 -34.09 -4.14 -1.12
C LEU B 462 -34.38 -2.90 -1.96
NA NA C . 20.54 -11.37 -22.27
CL CL D . 14.81 20.70 2.27
C1 GOL E . 25.96 -5.15 6.37
O1 GOL E . 26.63 -4.71 7.56
C2 GOL E . 24.55 -4.59 6.32
O2 GOL E . 24.52 -3.20 5.95
C3 GOL E . 23.72 -5.37 5.34
O3 GOL E . 22.38 -4.89 5.35
NA NA F . -32.52 -0.34 -0.18
#